data_6BPY
#
_entry.id   6BPY
#
_cell.length_a   159.220
_cell.length_b   159.220
_cell.length_c   121.370
_cell.angle_alpha   90.000
_cell.angle_beta   90.000
_cell.angle_gamma   120.000
#
_symmetry.space_group_name_H-M   'P 32 2 1'
#
loop_
_entity.id
_entity.type
_entity.pdbx_description
1 polymer 'Thioredoxin reductase'
2 non-polymer 'FLAVIN-ADENINE DINUCLEOTIDE'
3 non-polymer 'MALONATE ION'
4 non-polymer 'FORMIC ACID'
5 non-polymer 'NADP NICOTINAMIDE-ADENINE-DINUCLEOTIDE PHOSPHATE'
6 non-polymer 'ACETATE ION'
7 non-polymer D-MALATE
8 water water
#
_entity_poly.entity_id   1
_entity_poly.type   'polypeptide(L)'
_entity_poly.pdbx_seq_one_letter_code
;GMVHTKVVIIGSGPAAHTAAIYLSRAELKPVLYEGMLANGTAAGGQLTTTTDIENFPGFPDGIGGAELMENMRKQSIRFG
TEVITETISRVDLSSKPFKLWTEWNDGPDKEPACTADAVIIATGANARRLNLPGEETYWQNGISACAVCDGAVPIFRNKP
LYVIGGGDSAAEEAMFLAKYGSSVTVLVRRDKLRASKAMAKRLLAHPKVTVRFNTVATEVLGEKKPNGLMTHLRIKNTVT
GEEEIVDANGLFYAVGHDPATALVKGQIDLDEDGYIITKPGTSYTSREGVFACGDVQDKRYRQAITSAGSGCIAALEAEK
FIAEAESPEEEPVAVSAQKSADNSTIQPAAQEVNGDVKKDPKGAVPEYKSNPLL
;
_entity_poly.pdbx_strand_id   A,B
#
# COMPACT_ATOMS: atom_id res chain seq x y z
N VAL A 3 18.36 -14.53 -22.62
CA VAL A 3 18.65 -13.13 -22.30
C VAL A 3 19.10 -13.00 -20.85
N HIS A 4 19.22 -11.76 -20.39
CA HIS A 4 19.63 -11.48 -19.02
C HIS A 4 19.16 -10.08 -18.65
N THR A 5 18.74 -9.91 -17.40
CA THR A 5 18.24 -8.63 -16.92
C THR A 5 18.67 -8.43 -15.47
N LYS A 6 18.42 -7.22 -14.98
CA LYS A 6 18.75 -6.89 -13.58
C LYS A 6 17.79 -7.59 -12.63
N VAL A 7 16.49 -7.33 -12.76
CA VAL A 7 15.48 -7.89 -11.89
C VAL A 7 14.36 -8.49 -12.75
N VAL A 8 13.88 -9.67 -12.35
CA VAL A 8 12.75 -10.32 -12.97
C VAL A 8 11.61 -10.38 -11.96
N ILE A 9 10.40 -10.07 -12.41
CA ILE A 9 9.22 -10.08 -11.54
C ILE A 9 8.26 -11.13 -12.08
N ILE A 10 7.77 -11.98 -11.18
CA ILE A 10 6.85 -13.05 -11.52
C ILE A 10 5.49 -12.67 -10.95
N GLY A 11 4.55 -12.35 -11.83
CA GLY A 11 3.21 -12.00 -11.41
C GLY A 11 2.62 -10.97 -12.35
N SER A 12 1.33 -10.70 -12.14
CA SER A 12 0.64 -9.67 -12.92
C SER A 12 -0.35 -8.87 -12.09
N GLY A 13 -0.25 -8.93 -10.75
CA GLY A 13 -1.18 -8.24 -9.90
C GLY A 13 -0.70 -6.87 -9.50
N PRO A 14 -1.42 -6.22 -8.57
CA PRO A 14 -0.99 -4.89 -8.11
C PRO A 14 0.42 -4.88 -7.55
N ALA A 15 0.81 -5.91 -6.80
CA ALA A 15 2.17 -5.97 -6.28
C ALA A 15 3.19 -6.10 -7.41
N ALA A 16 2.91 -6.95 -8.39
CA ALA A 16 3.86 -7.18 -9.47
C ALA A 16 4.04 -5.96 -10.36
N HIS A 17 3.00 -5.13 -10.50
CA HIS A 17 3.09 -3.97 -11.37
C HIS A 17 3.65 -2.76 -10.66
N THR A 18 3.21 -2.50 -9.43
CA THR A 18 3.77 -1.39 -8.66
C THR A 18 5.27 -1.57 -8.46
N ALA A 19 5.71 -2.81 -8.20
CA ALA A 19 7.14 -3.09 -8.16
C ALA A 19 7.79 -2.83 -9.52
N ALA A 20 7.11 -3.22 -10.59
CA ALA A 20 7.63 -2.97 -11.93
C ALA A 20 7.64 -1.49 -12.27
N ILE A 21 6.66 -0.73 -11.78
CA ILE A 21 6.60 0.71 -12.06
C ILE A 21 7.81 1.42 -11.47
N TYR A 22 8.10 1.14 -10.19
CA TYR A 22 9.20 1.84 -9.54
C TYR A 22 10.55 1.44 -10.12
N LEU A 23 10.73 0.16 -10.49
CA LEU A 23 12.00 -0.24 -11.10
C LEU A 23 12.15 0.33 -12.50
N SER A 24 11.07 0.46 -13.25
CA SER A 24 11.18 1.01 -14.59
C SER A 24 11.37 2.53 -14.55
N ARG A 25 10.71 3.21 -13.62
CA ARG A 25 10.96 4.64 -13.46
C ARG A 25 12.36 4.91 -12.94
N ALA A 26 12.97 3.94 -12.24
CA ALA A 26 14.35 4.02 -11.77
C ALA A 26 15.36 3.62 -12.84
N GLU A 27 14.94 3.60 -14.11
CA GLU A 27 15.82 3.35 -15.25
C GLU A 27 16.39 1.93 -15.24
N LEU A 28 15.75 1.00 -14.55
CA LEU A 28 16.25 -0.36 -14.48
C LEU A 28 15.69 -1.15 -15.68
N LYS A 29 16.02 -2.44 -15.73
CA LYS A 29 15.55 -3.32 -16.80
C LYS A 29 14.72 -4.45 -16.19
N PRO A 30 13.51 -4.15 -15.70
CA PRO A 30 12.69 -5.21 -15.13
C PRO A 30 11.82 -5.88 -16.18
N VAL A 31 11.70 -7.20 -16.05
CA VAL A 31 10.83 -8.01 -16.91
C VAL A 31 9.70 -8.54 -16.06
N LEU A 32 8.47 -8.37 -16.55
CA LEU A 32 7.28 -8.78 -15.81
C LEU A 32 6.63 -9.92 -16.58
N TYR A 33 6.49 -11.07 -15.92
CA TYR A 33 5.89 -12.26 -16.52
C TYR A 33 4.44 -12.39 -16.05
N GLU A 34 3.50 -11.99 -16.91
CA GLU A 34 2.10 -12.10 -16.55
C GLU A 34 1.60 -13.53 -16.66
N GLY A 35 2.23 -14.32 -17.53
CA GLY A 35 1.84 -15.70 -17.74
C GLY A 35 0.93 -15.88 -18.95
N MET A 36 0.84 -17.12 -19.38
CA MET A 36 -0.07 -17.55 -20.46
C MET A 36 -1.44 -17.89 -19.88
N LEU A 37 -1.96 -16.97 -19.05
CA LEU A 37 -3.10 -17.21 -18.17
C LEU A 37 -2.69 -18.25 -17.14
N ALA A 38 -1.62 -17.93 -16.40
CA ALA A 38 -1.02 -18.86 -15.46
C ALA A 38 -1.93 -19.10 -14.26
N ASN A 39 -2.05 -20.37 -13.86
CA ASN A 39 -2.83 -20.78 -12.70
C ASN A 39 -4.27 -20.27 -12.76
N THR A 41 -6.60 -17.49 -11.46
CA THR A 41 -6.59 -16.13 -11.97
C THR A 41 -5.70 -16.00 -13.21
N ALA A 42 -6.28 -15.50 -14.30
CA ALA A 42 -5.55 -15.37 -15.55
C ALA A 42 -4.50 -14.26 -15.45
N ALA A 43 -3.77 -14.05 -16.54
CA ALA A 43 -2.75 -13.02 -16.59
C ALA A 43 -3.38 -11.64 -16.45
N GLY A 44 -2.99 -10.92 -15.40
CA GLY A 44 -3.56 -9.61 -15.12
C GLY A 44 -3.84 -9.40 -13.65
N GLY A 45 -3.87 -10.49 -12.89
CA GLY A 45 -4.12 -10.44 -11.47
C GLY A 45 -5.50 -11.00 -11.12
N GLN A 46 -5.67 -11.26 -9.82
CA GLN A 46 -6.95 -11.73 -9.31
C GLN A 46 -8.01 -10.64 -9.32
N LEU A 47 -7.64 -9.39 -9.57
CA LEU A 47 -8.63 -8.31 -9.63
C LEU A 47 -9.41 -8.30 -10.94
N THR A 48 -8.92 -8.99 -11.97
CA THR A 48 -9.63 -9.04 -13.24
C THR A 48 -10.98 -9.73 -13.10
N THR A 49 -11.16 -10.60 -12.12
CA THR A 49 -12.44 -11.28 -11.93
C THR A 49 -13.47 -10.39 -11.25
N THR A 50 -13.03 -9.49 -10.37
CA THR A 50 -13.94 -8.60 -9.68
C THR A 50 -14.60 -7.62 -10.65
N THR A 51 -15.89 -7.36 -10.45
CA THR A 51 -16.61 -6.49 -11.36
C THR A 51 -16.34 -5.02 -11.07
N ASP A 52 -16.42 -4.63 -9.80
CA ASP A 52 -16.24 -3.23 -9.41
C ASP A 52 -15.48 -3.16 -8.09
N ILE A 53 -14.39 -2.42 -8.08
CA ILE A 53 -13.61 -2.16 -6.87
C ILE A 53 -13.95 -0.76 -6.37
N GLU A 54 -14.46 -0.68 -5.14
CA GLU A 54 -14.89 0.59 -4.58
C GLU A 54 -14.05 1.04 -3.40
N ASN A 55 -13.19 0.17 -2.86
CA ASN A 55 -12.35 0.48 -1.72
C ASN A 55 -10.91 0.78 -2.11
N PHE A 56 -10.66 1.16 -3.38
CA PHE A 56 -9.32 1.54 -3.78
C PHE A 56 -9.21 3.07 -3.78
N PRO A 57 -8.22 3.62 -3.08
CA PRO A 57 -8.14 5.08 -2.96
C PRO A 57 -7.75 5.75 -4.27
N GLY A 58 -8.41 6.86 -4.56
CA GLY A 58 -8.19 7.59 -5.80
C GLY A 58 -9.31 7.45 -6.81
N PHE A 59 -10.24 6.52 -6.59
CA PHE A 59 -11.38 6.28 -7.48
C PHE A 59 -12.64 6.39 -6.63
N PRO A 60 -13.13 7.61 -6.39
CA PRO A 60 -14.29 7.76 -5.50
C PRO A 60 -15.57 7.16 -6.06
N ASP A 61 -15.70 7.08 -7.37
CA ASP A 61 -16.86 6.46 -7.99
C ASP A 61 -16.64 4.99 -8.30
N GLY A 62 -15.60 4.38 -7.73
CA GLY A 62 -15.30 2.99 -7.99
C GLY A 62 -14.67 2.77 -9.35
N ILE A 63 -14.01 1.63 -9.54
CA ILE A 63 -13.39 1.30 -10.82
C ILE A 63 -13.44 -0.21 -11.01
N GLY A 64 -13.70 -0.63 -12.24
CA GLY A 64 -13.71 -2.05 -12.54
C GLY A 64 -12.33 -2.66 -12.40
N GLY A 65 -12.28 -3.84 -11.79
CA GLY A 65 -11.01 -4.53 -11.60
C GLY A 65 -10.27 -4.78 -12.90
N ALA A 66 -11.02 -4.98 -13.99
CA ALA A 66 -10.39 -5.17 -15.29
C ALA A 66 -9.69 -3.90 -15.75
N GLU A 67 -10.38 -2.75 -15.63
CA GLU A 67 -9.80 -1.49 -16.09
C GLU A 67 -8.70 -1.00 -15.17
N LEU A 68 -8.79 -1.31 -13.86
CA LEU A 68 -7.74 -0.89 -12.94
C LEU A 68 -6.42 -1.57 -13.27
N MET A 69 -6.45 -2.89 -13.47
CA MET A 69 -5.23 -3.61 -13.81
C MET A 69 -4.75 -3.31 -15.23
N GLU A 70 -5.65 -2.89 -16.13
CA GLU A 70 -5.20 -2.48 -17.45
C GLU A 70 -4.53 -1.12 -17.41
N ASN A 71 -5.06 -0.20 -16.60
CA ASN A 71 -4.36 1.06 -16.33
C ASN A 71 -3.02 0.79 -15.67
N MET A 72 -3.00 -0.10 -14.67
CA MET A 72 -1.76 -0.44 -14.00
C MET A 72 -0.79 -1.17 -14.93
N ARG A 73 -1.30 -1.87 -15.94
CA ARG A 73 -0.43 -2.51 -16.90
C ARG A 73 0.28 -1.50 -17.79
N LYS A 74 -0.48 -0.60 -18.42
CA LYS A 74 0.14 0.41 -19.27
C LYS A 74 1.03 1.35 -18.48
N GLN A 75 0.72 1.55 -17.20
CA GLN A 75 1.61 2.36 -16.36
C GLN A 75 2.95 1.67 -16.14
N SER A 76 2.96 0.34 -16.12
CA SER A 76 4.23 -0.38 -15.99
C SER A 76 5.04 -0.30 -17.28
N ILE A 77 4.39 -0.54 -18.43
CA ILE A 77 5.10 -0.50 -19.70
C ILE A 77 5.47 0.91 -20.11
N ARG A 78 4.78 1.92 -19.57
CA ARG A 78 5.12 3.31 -19.89
C ARG A 78 6.56 3.62 -19.52
N PHE A 79 6.97 3.27 -18.30
CA PHE A 79 8.32 3.55 -17.84
C PHE A 79 9.34 2.50 -18.31
N GLY A 80 8.93 1.52 -19.11
CA GLY A 80 9.88 0.65 -19.77
C GLY A 80 10.08 -0.73 -19.18
N THR A 81 9.00 -1.39 -18.76
CA THR A 81 9.07 -2.78 -18.33
C THR A 81 8.86 -3.70 -19.52
N GLU A 82 9.76 -4.67 -19.69
CA GLU A 82 9.61 -5.67 -20.74
C GLU A 82 8.63 -6.72 -20.22
N VAL A 83 7.36 -6.57 -20.57
CA VAL A 83 6.30 -7.44 -20.08
C VAL A 83 6.09 -8.56 -21.09
N ILE A 84 6.42 -9.79 -20.70
CA ILE A 84 6.25 -10.96 -21.54
C ILE A 84 5.14 -11.81 -20.94
N THR A 85 4.17 -12.19 -21.78
CA THR A 85 3.00 -12.93 -21.32
C THR A 85 3.28 -14.44 -21.40
N GLU A 86 4.20 -14.87 -20.54
CA GLU A 86 4.60 -16.28 -20.48
C GLU A 86 4.71 -16.70 -19.03
N THR A 87 4.45 -17.99 -18.79
CA THR A 87 4.39 -18.53 -17.44
C THR A 87 5.74 -19.16 -17.07
N ILE A 88 6.21 -18.86 -15.86
CA ILE A 88 7.44 -19.46 -15.36
C ILE A 88 7.13 -20.86 -14.83
N SER A 89 7.93 -21.84 -15.24
CA SER A 89 7.72 -23.23 -14.84
C SER A 89 8.63 -23.64 -13.68
N ARG A 90 9.94 -23.47 -13.85
CA ARG A 90 10.90 -23.82 -12.81
C ARG A 90 11.85 -22.64 -12.59
N VAL A 91 12.37 -22.55 -11.37
CA VAL A 91 13.32 -21.51 -10.99
C VAL A 91 14.46 -22.17 -10.23
N ASP A 92 15.69 -21.79 -10.57
CA ASP A 92 16.90 -22.35 -9.95
C ASP A 92 17.63 -21.23 -9.21
N LEU A 93 17.29 -21.05 -7.94
CA LEU A 93 17.96 -20.06 -7.09
C LEU A 93 19.00 -20.75 -6.21
N SER A 94 20.01 -21.29 -6.86
CA SER A 94 21.18 -21.89 -6.22
C SER A 94 22.47 -21.30 -6.75
N SER A 95 22.58 -21.04 -8.06
CA SER A 95 23.76 -20.45 -8.64
C SER A 95 23.75 -18.93 -8.43
N LYS A 96 24.84 -18.27 -8.85
CA LYS A 96 24.92 -16.81 -8.75
C LYS A 96 23.81 -16.12 -9.52
N PRO A 97 23.60 -16.36 -10.83
CA PRO A 97 22.45 -15.75 -11.50
C PRO A 97 21.21 -16.63 -11.43
N PHE A 98 20.09 -16.04 -11.01
CA PHE A 98 18.84 -16.80 -10.91
C PHE A 98 18.35 -17.20 -12.30
N LYS A 99 18.04 -18.47 -12.48
CA LYS A 99 17.58 -19.00 -13.76
C LYS A 99 16.10 -19.32 -13.70
N LEU A 100 15.39 -19.02 -14.80
CA LEU A 100 13.96 -19.25 -14.90
C LEU A 100 13.65 -19.92 -16.24
N TRP A 101 12.63 -20.78 -16.23
CA TRP A 101 12.23 -21.53 -17.40
C TRP A 101 10.74 -21.32 -17.67
N THR A 102 10.40 -21.17 -18.95
CA THR A 102 9.00 -21.05 -19.35
C THR A 102 8.30 -22.41 -19.28
N GLU A 103 6.98 -22.37 -19.14
CA GLU A 103 6.19 -23.59 -19.12
C GLU A 103 6.15 -24.24 -20.50
N TRP A 104 6.18 -25.58 -20.51
CA TRP A 104 6.19 -26.41 -21.71
C TRP A 104 7.52 -26.31 -22.44
N ASN A 105 8.37 -25.38 -21.97
CA ASN A 105 9.75 -25.24 -22.45
C ASN A 105 10.74 -25.43 -21.32
N ASP A 106 10.36 -26.18 -20.29
CA ASP A 106 11.24 -26.37 -19.14
C ASP A 106 12.36 -27.34 -19.47
N GLY A 107 12.03 -28.61 -19.70
CA GLY A 107 13.00 -29.60 -20.08
C GLY A 107 13.96 -29.94 -18.95
N PRO A 108 14.53 -31.14 -18.99
CA PRO A 108 15.50 -31.50 -17.94
C PRO A 108 16.86 -30.86 -18.18
N ASP A 109 17.17 -30.59 -19.44
CA ASP A 109 18.47 -30.04 -19.85
C ASP A 109 18.27 -28.93 -20.88
N LYS A 110 17.30 -28.06 -20.67
CA LYS A 110 17.04 -26.97 -21.59
C LYS A 110 17.58 -25.64 -21.04
N GLU A 111 17.80 -24.70 -21.95
CA GLU A 111 18.36 -23.40 -21.60
C GLU A 111 17.28 -22.47 -21.04
N PRO A 112 17.58 -21.74 -19.97
CA PRO A 112 16.58 -20.83 -19.39
C PRO A 112 16.20 -19.72 -20.37
N ALA A 113 14.95 -19.28 -20.25
CA ALA A 113 14.45 -18.21 -21.12
C ALA A 113 14.91 -16.84 -20.64
N CYS A 114 15.08 -16.66 -19.33
CA CYS A 114 15.54 -15.39 -18.80
C CYS A 114 16.26 -15.66 -17.48
N THR A 115 17.35 -14.93 -17.26
CA THR A 115 18.10 -14.99 -16.01
C THR A 115 18.31 -13.59 -15.47
N ALA A 116 18.44 -13.48 -14.14
CA ALA A 116 18.58 -12.19 -13.50
C ALA A 116 19.32 -12.33 -12.18
N ASP A 117 19.81 -11.19 -11.69
CA ASP A 117 20.54 -11.12 -10.43
C ASP A 117 19.63 -10.91 -9.22
N ALA A 118 18.36 -10.61 -9.45
CA ALA A 118 17.39 -10.44 -8.38
C ALA A 118 16.00 -10.75 -8.93
N VAL A 119 15.15 -11.32 -8.09
CA VAL A 119 13.81 -11.73 -8.51
C VAL A 119 12.80 -11.27 -7.47
N ILE A 120 11.67 -10.77 -7.95
CA ILE A 120 10.56 -10.34 -7.12
C ILE A 120 9.42 -11.34 -7.30
N ILE A 121 8.91 -11.86 -6.19
CA ILE A 121 7.83 -12.84 -6.20
C ILE A 121 6.54 -12.12 -5.82
N ALA A 122 5.68 -11.89 -6.79
CA ALA A 122 4.36 -11.30 -6.59
C ALA A 122 3.30 -12.13 -7.28
N THR A 123 3.37 -13.45 -7.07
CA THR A 123 2.53 -14.40 -7.77
C THR A 123 1.14 -14.57 -7.15
N GLY A 124 0.79 -13.73 -6.17
CA GLY A 124 -0.55 -13.73 -5.61
C GLY A 124 -0.86 -14.95 -4.77
N ALA A 125 -2.07 -14.92 -4.21
CA ALA A 125 -2.61 -16.03 -3.41
C ALA A 125 -4.12 -16.02 -3.60
N ASN A 126 -4.60 -16.85 -4.53
CA ASN A 126 -6.02 -16.85 -4.86
C ASN A 126 -6.85 -17.51 -3.78
N ALA A 127 -8.09 -17.05 -3.65
CA ALA A 127 -9.05 -17.67 -2.74
C ALA A 127 -9.63 -18.93 -3.39
N ARG A 128 -9.81 -19.96 -2.58
CA ARG A 128 -10.29 -21.24 -3.09
C ARG A 128 -11.77 -21.16 -3.44
N ARG A 129 -12.12 -21.70 -4.60
CA ARG A 129 -13.51 -21.83 -5.02
C ARG A 129 -13.94 -23.29 -4.93
N LEU A 130 -15.25 -23.51 -4.95
CA LEU A 130 -15.81 -24.84 -4.81
C LEU A 130 -16.25 -25.47 -6.13
N ASN A 131 -16.24 -24.70 -7.22
CA ASN A 131 -16.62 -25.19 -8.55
C ASN A 131 -18.02 -25.78 -8.54
N LEU A 132 -18.92 -25.14 -7.81
CA LEU A 132 -20.31 -25.59 -7.77
C LEU A 132 -20.98 -25.38 -9.13
N PRO A 133 -22.01 -26.16 -9.44
CA PRO A 133 -22.82 -25.86 -10.62
C PRO A 133 -23.51 -24.51 -10.48
N GLY A 134 -23.45 -23.72 -11.55
CA GLY A 134 -23.94 -22.36 -11.50
C GLY A 134 -22.98 -21.34 -10.94
N GLU A 135 -21.83 -21.78 -10.41
CA GLU A 135 -20.85 -20.83 -9.88
C GLU A 135 -20.31 -19.93 -10.99
N GLU A 136 -20.00 -20.52 -12.15
CA GLU A 136 -19.53 -19.72 -13.28
C GLU A 136 -20.59 -18.73 -13.75
N THR A 137 -21.87 -19.07 -13.59
CA THR A 137 -22.93 -18.20 -14.05
C THR A 137 -23.20 -17.04 -13.10
N TYR A 138 -22.94 -17.22 -11.81
CA TYR A 138 -23.25 -16.20 -10.81
C TYR A 138 -22.02 -15.74 -10.03
N TRP A 139 -20.82 -16.06 -10.49
CA TRP A 139 -19.62 -15.51 -9.88
C TRP A 139 -19.55 -14.00 -10.12
N GLN A 140 -19.31 -13.26 -9.05
CA GLN A 140 -19.35 -11.79 -9.03
C GLN A 140 -20.72 -11.24 -9.42
N ASN A 141 -21.73 -12.11 -9.51
CA ASN A 141 -23.12 -11.70 -9.64
C ASN A 141 -23.95 -12.26 -8.48
N GLY A 142 -23.31 -12.40 -7.32
CA GLY A 142 -23.94 -12.99 -6.16
C GLY A 142 -22.98 -13.84 -5.36
N ILE A 143 -21.95 -14.37 -6.01
CA ILE A 143 -20.92 -15.17 -5.36
C ILE A 143 -19.65 -14.35 -5.25
N SER A 144 -18.96 -14.50 -4.12
CA SER A 144 -17.71 -13.77 -3.87
C SER A 144 -16.86 -14.56 -2.89
N ALA A 145 -15.68 -14.04 -2.61
CA ALA A 145 -14.76 -14.69 -1.67
C ALA A 145 -14.12 -13.74 -0.67
N CYS A 146 -14.41 -12.44 -0.74
CA CYS A 146 -13.87 -11.46 0.20
C CYS A 146 -15.04 -10.69 0.81
N ALA A 147 -15.25 -10.83 2.12
CA ALA A 147 -16.33 -10.12 2.78
C ALA A 147 -16.05 -8.64 2.90
N VAL A 148 -14.78 -8.26 3.06
CA VAL A 148 -14.43 -6.85 3.18
C VAL A 148 -14.61 -6.14 1.85
N CYS A 149 -14.29 -6.82 0.74
CA CYS A 149 -14.33 -6.19 -0.57
C CYS A 149 -15.75 -6.02 -1.07
N ASP A 150 -16.53 -7.11 -1.09
CA ASP A 150 -17.84 -7.12 -1.73
C ASP A 150 -19.00 -7.21 -0.75
N GLY A 151 -18.75 -7.21 0.56
CA GLY A 151 -19.84 -7.34 1.52
C GLY A 151 -20.79 -6.17 1.51
N ALA A 152 -20.31 -4.98 1.16
CA ALA A 152 -21.11 -3.76 1.20
C ALA A 152 -21.89 -3.51 -0.08
N VAL A 153 -21.69 -4.33 -1.12
CA VAL A 153 -22.37 -4.18 -2.40
C VAL A 153 -23.89 -4.16 -2.16
N PRO A 154 -24.63 -3.24 -2.80
CA PRO A 154 -26.06 -3.10 -2.49
C PRO A 154 -26.90 -4.34 -2.77
N ILE A 155 -26.45 -5.24 -3.65
CA ILE A 155 -27.24 -6.42 -3.96
C ILE A 155 -27.29 -7.40 -2.79
N PHE A 156 -26.44 -7.23 -1.78
CA PHE A 156 -26.44 -8.08 -0.61
C PHE A 156 -27.06 -7.43 0.62
N ARG A 157 -27.33 -6.13 0.58
CA ARG A 157 -27.85 -5.44 1.76
C ARG A 157 -29.32 -5.80 1.96
N ASN A 158 -29.66 -6.14 3.20
CA ASN A 158 -31.03 -6.53 3.58
C ASN A 158 -31.49 -7.76 2.77
N LYS A 159 -30.58 -8.71 2.58
CA LYS A 159 -30.83 -9.95 1.87
C LYS A 159 -30.23 -11.09 2.66
N PRO A 160 -30.75 -12.32 2.46
CA PRO A 160 -30.15 -13.47 3.13
C PRO A 160 -28.81 -13.82 2.51
N LEU A 161 -27.78 -13.92 3.35
CA LEU A 161 -26.42 -14.21 2.91
C LEU A 161 -25.96 -15.53 3.51
N TYR A 162 -25.13 -16.24 2.75
CA TYR A 162 -24.62 -17.54 3.17
C TYR A 162 -23.10 -17.55 3.09
N VAL A 163 -22.47 -18.18 4.08
CA VAL A 163 -21.02 -18.31 4.18
C VAL A 163 -20.67 -19.78 4.23
N ILE A 164 -19.59 -20.15 3.53
CA ILE A 164 -19.12 -21.53 3.47
C ILE A 164 -17.76 -21.60 4.16
N GLY A 165 -17.65 -22.45 5.17
CA GLY A 165 -16.41 -22.65 5.89
C GLY A 165 -16.65 -22.77 7.38
N GLY A 166 -15.69 -23.37 8.07
CA GLY A 166 -15.79 -23.56 9.51
C GLY A 166 -14.62 -23.01 10.29
N GLY A 167 -13.65 -22.42 9.59
CA GLY A 167 -12.47 -21.89 10.22
C GLY A 167 -12.68 -20.50 10.79
N ASP A 168 -11.58 -19.86 11.18
CA ASP A 168 -11.65 -18.52 11.73
C ASP A 168 -12.02 -17.50 10.67
N SER A 169 -11.54 -17.69 9.44
CA SER A 169 -11.90 -16.79 8.35
C SER A 169 -13.40 -16.80 8.11
N ALA A 170 -14.05 -17.96 8.30
CA ALA A 170 -15.49 -18.03 8.12
C ALA A 170 -16.22 -17.22 9.19
N ALA A 171 -15.89 -17.45 10.46
CA ALA A 171 -16.55 -16.73 11.54
C ALA A 171 -16.27 -15.24 11.46
N GLU A 172 -15.05 -14.87 11.06
CA GLU A 172 -14.71 -13.45 10.95
C GLU A 172 -15.47 -12.79 9.82
N GLU A 173 -15.56 -13.45 8.65
CA GLU A 173 -16.28 -12.87 7.53
C GLU A 173 -17.79 -12.94 7.71
N ALA A 174 -18.28 -13.95 8.44
CA ALA A 174 -19.72 -14.06 8.66
C ALA A 174 -20.25 -12.90 9.49
N MET A 175 -19.59 -12.61 10.61
CA MET A 175 -20.01 -11.48 11.44
C MET A 175 -19.82 -10.15 10.73
N PHE A 176 -18.86 -10.06 9.81
CA PHE A 176 -18.69 -8.85 9.02
C PHE A 176 -19.85 -8.66 8.05
N LEU A 177 -20.31 -9.76 7.43
CA LEU A 177 -21.44 -9.67 6.52
C LEU A 177 -22.73 -9.37 7.23
N ALA A 178 -22.79 -9.57 8.55
CA ALA A 178 -23.99 -9.24 9.31
C ALA A 178 -24.27 -7.75 9.34
N LYS A 179 -23.28 -6.92 8.99
CA LYS A 179 -23.50 -5.48 8.94
C LYS A 179 -24.46 -5.08 7.83
N TYR A 180 -24.58 -5.90 6.78
CA TYR A 180 -25.35 -5.55 5.59
C TYR A 180 -26.54 -6.46 5.36
N GLY A 181 -26.34 -7.78 5.40
CA GLY A 181 -27.40 -8.70 5.05
C GLY A 181 -28.49 -8.79 6.10
N SER A 182 -29.67 -9.23 5.65
CA SER A 182 -30.78 -9.44 6.57
C SER A 182 -30.49 -10.61 7.51
N SER A 183 -29.88 -11.66 7.01
CA SER A 183 -29.53 -12.81 7.82
C SER A 183 -28.31 -13.49 7.19
N VAL A 184 -27.38 -13.92 8.04
CA VAL A 184 -26.17 -14.60 7.59
C VAL A 184 -26.19 -16.01 8.14
N THR A 185 -26.02 -16.99 7.25
CA THR A 185 -25.96 -18.39 7.63
C THR A 185 -24.64 -18.97 7.18
N VAL A 186 -23.95 -19.69 8.06
CA VAL A 186 -22.67 -20.30 7.76
C VAL A 186 -22.88 -21.81 7.68
N LEU A 187 -22.35 -22.43 6.63
CA LEU A 187 -22.56 -23.84 6.31
C LEU A 187 -21.28 -24.61 6.60
N VAL A 188 -21.18 -25.12 7.82
CA VAL A 188 -20.04 -25.94 8.20
C VAL A 188 -20.23 -27.35 7.64
N ARG A 189 -19.17 -27.89 7.04
CA ARG A 189 -19.26 -29.20 6.38
C ARG A 189 -19.33 -30.31 7.41
N ARG A 190 -18.48 -30.27 8.43
CA ARG A 190 -18.46 -31.28 9.46
C ARG A 190 -19.35 -30.85 10.64
N ASP A 191 -19.22 -31.53 11.77
CA ASP A 191 -20.09 -31.35 12.91
C ASP A 191 -19.59 -30.35 13.96
N LYS A 192 -18.40 -29.77 13.79
CA LYS A 192 -17.94 -28.79 14.76
C LYS A 192 -16.97 -27.80 14.12
N LEU A 193 -17.16 -26.52 14.48
CA LEU A 193 -16.31 -25.43 14.01
C LEU A 193 -14.83 -25.74 14.20
N ARG A 194 -14.06 -25.52 13.13
CA ARG A 194 -12.60 -25.64 13.19
C ARG A 194 -11.96 -24.40 13.80
N ALA A 195 -12.73 -23.35 14.06
CA ALA A 195 -12.18 -22.06 14.46
C ALA A 195 -11.76 -22.07 15.92
N SER A 196 -11.23 -20.92 16.36
CA SER A 196 -10.76 -20.76 17.73
C SER A 196 -11.95 -20.74 18.70
N LYS A 197 -11.65 -21.07 19.97
CA LYS A 197 -12.70 -21.13 20.97
C LYS A 197 -13.28 -19.76 21.25
N ALA A 198 -12.44 -18.72 21.21
CA ALA A 198 -12.92 -17.37 21.48
C ALA A 198 -13.62 -16.79 20.25
N MET A 199 -13.11 -17.07 19.05
CA MET A 199 -13.77 -16.61 17.84
C MET A 199 -15.10 -17.31 17.63
N ALA A 200 -15.19 -18.59 18.01
CA ALA A 200 -16.47 -19.29 17.94
C ALA A 200 -17.45 -18.75 18.98
N LYS A 201 -16.94 -18.27 20.11
CA LYS A 201 -17.81 -17.70 21.14
C LYS A 201 -18.56 -16.49 20.61
N ARG A 202 -17.86 -15.56 19.97
CA ARG A 202 -18.50 -14.38 19.41
C ARG A 202 -19.35 -14.72 18.19
N LEU A 203 -19.06 -15.83 17.51
CA LEU A 203 -19.86 -16.23 16.35
C LEU A 203 -21.23 -16.72 16.79
N LEU A 204 -21.27 -17.75 17.64
CA LEU A 204 -22.54 -18.31 18.10
C LEU A 204 -23.35 -17.32 18.94
N ALA A 205 -22.73 -16.24 19.41
CA ALA A 205 -23.45 -15.23 20.19
C ALA A 205 -24.04 -14.12 19.33
N HIS A 206 -23.54 -13.92 18.12
CA HIS A 206 -24.05 -12.85 17.27
C HIS A 206 -25.49 -13.17 16.87
N PRO A 207 -26.40 -12.20 16.97
CA PRO A 207 -27.83 -12.53 16.77
C PRO A 207 -28.20 -12.83 15.33
N LYS A 208 -27.67 -12.08 14.36
CA LYS A 208 -28.10 -12.21 12.98
C LYS A 208 -27.38 -13.31 12.23
N VAL A 209 -26.59 -14.14 12.91
CA VAL A 209 -25.93 -15.27 12.26
C VAL A 209 -26.39 -16.56 12.92
N THR A 210 -26.48 -17.62 12.11
CA THR A 210 -26.87 -18.93 12.59
C THR A 210 -25.95 -19.96 11.94
N VAL A 211 -25.36 -20.83 12.76
CA VAL A 211 -24.43 -21.85 12.28
C VAL A 211 -25.21 -23.12 12.01
N ARG A 212 -25.11 -23.62 10.78
CA ARG A 212 -25.77 -24.87 10.38
C ARG A 212 -24.68 -25.92 10.17
N PHE A 213 -24.45 -26.73 11.20
CA PHE A 213 -23.47 -27.79 11.09
C PHE A 213 -23.96 -28.90 10.16
N ASN A 214 -23.00 -29.63 9.59
CA ASN A 214 -23.29 -30.74 8.68
C ASN A 214 -24.14 -30.29 7.50
N THR A 215 -23.67 -29.26 6.79
CA THR A 215 -24.39 -28.71 5.67
C THR A 215 -23.39 -28.26 4.61
N VAL A 216 -23.66 -28.60 3.36
CA VAL A 216 -22.79 -28.29 2.23
C VAL A 216 -23.64 -27.69 1.12
N ALA A 217 -23.12 -26.64 0.49
CA ALA A 217 -23.80 -26.05 -0.66
C ALA A 217 -23.52 -26.89 -1.90
N THR A 218 -24.58 -27.23 -2.63
CA THR A 218 -24.51 -28.13 -3.78
C THR A 218 -24.68 -27.44 -5.12
N GLU A 219 -25.54 -26.42 -5.21
CA GLU A 219 -25.77 -25.77 -6.48
C GLU A 219 -26.25 -24.34 -6.24
N VAL A 220 -25.90 -23.45 -7.17
CA VAL A 220 -26.24 -22.04 -7.10
C VAL A 220 -27.33 -21.77 -8.12
N LEU A 221 -28.45 -21.20 -7.67
CA LEU A 221 -29.57 -20.89 -8.53
C LEU A 221 -29.82 -19.40 -8.57
N GLY A 222 -30.40 -18.93 -9.68
CA GLY A 222 -30.69 -17.52 -9.81
C GLY A 222 -31.43 -17.22 -11.09
N GLU A 223 -31.45 -15.94 -11.44
CA GLU A 223 -32.08 -15.48 -12.67
C GLU A 223 -31.33 -16.04 -13.89
N LYS A 224 -32.05 -16.13 -15.01
CA LYS A 224 -31.48 -16.50 -16.29
C LYS A 224 -31.69 -15.33 -17.24
N LYS A 225 -30.76 -14.37 -17.18
CA LYS A 225 -30.68 -13.19 -18.02
C LYS A 225 -29.19 -12.96 -18.25
N PRO A 226 -28.77 -11.97 -19.07
CA PRO A 226 -27.32 -11.75 -19.23
C PRO A 226 -26.56 -11.52 -17.93
N ASN A 227 -26.91 -10.49 -17.18
CA ASN A 227 -26.28 -10.21 -15.88
C ASN A 227 -27.22 -10.58 -14.74
N GLY A 228 -27.48 -11.89 -14.66
CA GLY A 228 -28.41 -12.39 -13.67
C GLY A 228 -27.77 -12.55 -12.31
N LEU A 229 -28.49 -12.10 -11.29
CA LEU A 229 -28.03 -12.20 -9.92
C LEU A 229 -28.40 -13.57 -9.35
N MET A 230 -27.84 -13.87 -8.18
CA MET A 230 -28.11 -15.12 -7.51
C MET A 230 -29.37 -14.98 -6.66
N THR A 231 -30.27 -15.96 -6.77
CA THR A 231 -31.54 -15.93 -6.07
C THR A 231 -31.74 -17.07 -5.08
N HIS A 232 -31.20 -18.26 -5.35
CA HIS A 232 -31.42 -19.41 -4.50
C HIS A 232 -30.14 -20.24 -4.39
N LEU A 233 -30.01 -20.93 -3.26
CA LEU A 233 -28.89 -21.83 -3.02
C LEU A 233 -29.44 -23.18 -2.58
N ARG A 234 -28.94 -24.24 -3.20
CA ARG A 234 -29.34 -25.61 -2.86
C ARG A 234 -28.31 -26.19 -1.89
N ILE A 235 -28.73 -26.43 -0.65
CA ILE A 235 -27.86 -26.97 0.38
C ILE A 235 -28.28 -28.41 0.67
N LYS A 236 -27.33 -29.18 1.22
CA LYS A 236 -27.53 -30.60 1.44
C LYS A 236 -26.97 -30.99 2.81
N ASN A 237 -27.83 -31.54 3.66
CA ASN A 237 -27.37 -32.11 4.91
C ASN A 237 -26.44 -33.28 4.64
N THR A 238 -25.29 -33.30 5.32
CA THR A 238 -24.24 -34.26 5.02
C THR A 238 -24.38 -35.57 5.77
N VAL A 239 -25.36 -35.69 6.66
CA VAL A 239 -25.61 -36.92 7.40
C VAL A 239 -26.77 -37.70 6.80
N THR A 240 -27.89 -37.03 6.52
CA THR A 240 -29.03 -37.69 5.91
C THR A 240 -28.88 -37.76 4.39
N GLY A 241 -28.36 -36.71 3.78
CA GLY A 241 -28.23 -36.64 2.34
C GLY A 241 -29.36 -35.89 1.66
N GLU A 242 -30.32 -35.38 2.43
CA GLU A 242 -31.48 -34.68 1.89
C GLU A 242 -31.07 -33.28 1.46
N GLU A 243 -31.27 -32.96 0.19
CA GLU A 243 -30.96 -31.64 -0.35
C GLU A 243 -32.19 -30.74 -0.26
N GLU A 244 -31.93 -29.43 -0.15
CA GLU A 244 -32.98 -28.45 0.05
C GLU A 244 -32.60 -27.17 -0.67
N ILE A 245 -33.60 -26.39 -1.06
CA ILE A 245 -33.40 -25.12 -1.76
C ILE A 245 -33.87 -23.99 -0.84
N VAL A 246 -32.96 -23.05 -0.54
CA VAL A 246 -33.26 -21.94 0.33
C VAL A 246 -32.99 -20.63 -0.40
N ASP A 247 -33.67 -19.57 0.05
CA ASP A 247 -33.45 -18.25 -0.51
C ASP A 247 -32.06 -17.75 -0.15
N ALA A 248 -31.33 -17.23 -1.14
CA ALA A 248 -29.97 -16.76 -0.91
C ALA A 248 -29.59 -15.78 -2.00
N ASN A 249 -29.31 -14.54 -1.62
CA ASN A 249 -28.84 -13.54 -2.58
C ASN A 249 -27.33 -13.44 -2.64
N GLY A 250 -26.63 -13.94 -1.62
CA GLY A 250 -25.19 -13.85 -1.58
C GLY A 250 -24.51 -15.09 -1.01
N LEU A 251 -23.49 -15.59 -1.71
CA LEU A 251 -22.72 -16.74 -1.29
C LEU A 251 -21.25 -16.35 -1.23
N PHE A 252 -20.68 -16.38 -0.03
CA PHE A 252 -19.29 -15.95 0.19
C PHE A 252 -18.45 -17.15 0.60
N TYR A 253 -17.50 -17.51 -0.26
CA TYR A 253 -16.55 -18.57 0.08
C TYR A 253 -15.60 -18.10 1.18
N ALA A 254 -15.46 -18.91 2.23
CA ALA A 254 -14.61 -18.59 3.36
C ALA A 254 -13.72 -19.77 3.73
N VAL A 255 -13.36 -20.58 2.74
CA VAL A 255 -12.32 -21.58 2.89
C VAL A 255 -10.98 -20.88 2.70
N GLY A 256 -9.88 -21.57 3.00
CA GLY A 256 -8.58 -20.95 2.97
C GLY A 256 -8.15 -20.46 1.60
N HIS A 257 -6.90 -20.00 1.49
CA HIS A 257 -6.37 -19.45 0.25
C HIS A 257 -5.21 -20.32 -0.25
N ASP A 258 -4.89 -20.15 -1.52
CA ASP A 258 -3.84 -20.94 -2.18
C ASP A 258 -2.73 -20.01 -2.67
N PRO A 259 -1.65 -19.86 -1.93
CA PRO A 259 -0.50 -19.09 -2.45
C PRO A 259 0.13 -19.82 -3.63
N ALA A 260 0.46 -19.07 -4.68
CA ALA A 260 1.05 -19.68 -5.86
C ALA A 260 2.55 -19.86 -5.66
N THR A 261 2.93 -20.48 -4.54
CA THR A 261 4.33 -20.72 -4.18
C THR A 261 4.83 -22.07 -4.70
N ALA A 262 4.24 -22.60 -5.77
CA ALA A 262 4.64 -23.91 -6.26
C ALA A 262 6.04 -23.89 -6.85
N LEU A 263 6.45 -22.78 -7.46
CA LEU A 263 7.73 -22.74 -8.16
C LEU A 263 8.91 -22.82 -7.20
N VAL A 264 8.76 -22.30 -5.98
CA VAL A 264 9.87 -22.27 -5.03
C VAL A 264 10.00 -23.62 -4.35
N LYS A 265 8.99 -24.00 -3.58
CA LYS A 265 8.89 -25.32 -2.93
C LYS A 265 10.21 -25.75 -2.27
N GLY A 266 10.67 -24.96 -1.30
CA GLY A 266 11.83 -25.30 -0.50
C GLY A 266 13.00 -24.35 -0.62
N GLN A 267 13.15 -23.69 -1.77
CA GLN A 267 14.28 -22.78 -1.95
C GLN A 267 14.20 -21.60 -0.99
N ILE A 268 13.02 -21.00 -0.86
CA ILE A 268 12.75 -19.95 0.10
C ILE A 268 11.84 -20.53 1.18
N ASP A 269 12.03 -20.10 2.41
CA ASP A 269 11.24 -20.63 3.51
C ASP A 269 9.77 -20.21 3.38
N LEU A 270 8.87 -21.14 3.68
CA LEU A 270 7.43 -20.92 3.71
C LEU A 270 6.91 -21.11 5.14
N ASP A 271 5.65 -20.77 5.34
CA ASP A 271 5.00 -20.92 6.62
C ASP A 271 4.10 -22.16 6.60
N GLU A 272 3.32 -22.34 7.67
CA GLU A 272 2.48 -23.53 7.78
C GLU A 272 1.41 -23.58 6.70
N ASP A 273 0.85 -22.43 6.33
CA ASP A 273 -0.23 -22.38 5.35
C ASP A 273 0.27 -22.25 3.91
N GLY A 274 1.56 -22.01 3.70
CA GLY A 274 2.12 -21.94 2.37
C GLY A 274 2.61 -20.58 1.94
N TYR A 275 2.35 -19.53 2.71
CA TYR A 275 2.79 -18.19 2.33
C TYR A 275 4.30 -18.06 2.52
N ILE A 276 4.89 -17.13 1.77
CA ILE A 276 6.32 -16.86 1.89
C ILE A 276 6.57 -16.02 3.13
N ILE A 277 7.45 -16.51 4.00
CA ILE A 277 7.81 -15.76 5.20
C ILE A 277 8.78 -14.66 4.83
N THR A 278 8.50 -13.45 5.31
CA THR A 278 9.35 -12.29 5.06
C THR A 278 9.54 -11.51 6.35
N LYS A 279 10.67 -10.81 6.44
CA LYS A 279 10.91 -9.94 7.57
C LYS A 279 9.80 -8.89 7.65
N PRO A 280 9.19 -8.70 8.83
CA PRO A 280 8.00 -7.83 8.91
C PRO A 280 8.29 -6.41 8.45
N GLY A 281 7.31 -5.83 7.76
CA GLY A 281 7.43 -4.51 7.17
C GLY A 281 8.36 -4.41 5.98
N THR A 282 8.94 -5.53 5.53
CA THR A 282 9.87 -5.56 4.43
C THR A 282 9.49 -6.70 3.48
N SER A 283 10.14 -6.72 2.33
CA SER A 283 10.00 -7.81 1.36
C SER A 283 11.17 -8.78 1.42
N TYR A 284 12.00 -8.69 2.46
CA TYR A 284 13.16 -9.56 2.57
C TYR A 284 12.72 -10.98 2.87
N THR A 285 13.01 -11.90 1.95
CA THR A 285 12.68 -13.32 2.14
C THR A 285 13.79 -13.99 2.96
N SER A 286 13.78 -15.32 2.97
CA SER A 286 14.80 -16.06 3.71
C SER A 286 16.09 -16.23 2.92
N ARG A 287 16.03 -16.15 1.60
CA ARG A 287 17.22 -16.20 0.75
C ARG A 287 17.60 -14.80 0.30
N GLU A 288 18.84 -14.41 0.55
CA GLU A 288 19.31 -13.08 0.15
C GLU A 288 19.39 -13.00 -1.36
N GLY A 289 18.65 -12.06 -1.94
CA GLY A 289 18.59 -11.87 -3.38
C GLY A 289 17.20 -11.99 -3.97
N VAL A 290 16.27 -12.63 -3.27
CA VAL A 290 14.89 -12.80 -3.74
C VAL A 290 13.95 -12.09 -2.76
N PHE A 291 13.01 -11.34 -3.30
CA PHE A 291 12.04 -10.60 -2.52
C PHE A 291 10.64 -11.08 -2.87
N ALA A 292 9.71 -10.88 -1.94
CA ALA A 292 8.33 -11.33 -2.11
C ALA A 292 7.39 -10.22 -1.64
N CYS A 293 6.49 -9.80 -2.54
CA CYS A 293 5.50 -8.78 -2.22
C CYS A 293 4.11 -9.28 -2.59
N GLY A 294 3.10 -8.68 -1.97
CA GLY A 294 1.72 -9.00 -2.30
C GLY A 294 1.13 -10.07 -1.43
N ASP A 295 0.15 -10.81 -1.97
CA ASP A 295 -0.53 -11.85 -1.21
C ASP A 295 0.32 -13.09 -0.98
N VAL A 296 1.47 -13.21 -1.66
CA VAL A 296 2.33 -14.35 -1.43
C VAL A 296 2.91 -14.32 -0.02
N GLN A 297 3.07 -13.12 0.54
CA GLN A 297 3.56 -12.94 1.90
C GLN A 297 2.49 -12.47 2.86
N ASP A 298 1.40 -11.90 2.38
CA ASP A 298 0.38 -11.30 3.21
C ASP A 298 -0.79 -12.27 3.38
N LYS A 299 -1.07 -12.62 4.63
CA LYS A 299 -2.21 -13.46 4.98
C LYS A 299 -3.21 -12.74 5.88
N ARG A 300 -2.87 -11.57 6.40
CA ARG A 300 -3.72 -10.88 7.36
C ARG A 300 -4.62 -9.82 6.73
N TYR A 301 -4.28 -9.29 5.56
CA TYR A 301 -5.04 -8.22 4.94
C TYR A 301 -5.64 -8.62 3.60
N ARG A 302 -4.83 -9.13 2.68
CA ARG A 302 -5.30 -9.63 1.38
C ARG A 302 -6.08 -8.55 0.63
N GLN A 303 -5.50 -7.37 0.53
CA GLN A 303 -6.11 -6.25 -0.18
C GLN A 303 -5.18 -5.80 -1.31
N ALA A 304 -5.78 -5.18 -2.33
CA ALA A 304 -4.99 -4.69 -3.45
C ALA A 304 -4.18 -3.46 -3.06
N ILE A 305 -4.77 -2.57 -2.24
CA ILE A 305 -4.05 -1.39 -1.81
C ILE A 305 -2.87 -1.78 -0.93
N THR A 306 -2.98 -2.87 -0.17
CA THR A 306 -1.87 -3.33 0.65
C THR A 306 -0.83 -4.08 -0.19
N SER A 307 -1.28 -4.86 -1.17
CA SER A 307 -0.34 -5.52 -2.06
C SER A 307 0.39 -4.52 -2.94
N ALA A 308 -0.32 -3.50 -3.43
CA ALA A 308 0.33 -2.44 -4.19
C ALA A 308 1.37 -1.72 -3.34
N GLY A 309 1.05 -1.45 -2.09
CA GLY A 309 2.02 -0.85 -1.19
C GLY A 309 3.21 -1.75 -0.96
N SER A 310 2.95 -3.03 -0.66
CA SER A 310 4.04 -3.97 -0.45
C SER A 310 4.85 -4.17 -1.72
N GLY A 311 4.23 -3.97 -2.89
CA GLY A 311 4.98 -4.05 -4.13
C GLY A 311 6.01 -2.94 -4.26
N CYS A 312 5.65 -1.73 -3.80
CA CYS A 312 6.62 -0.65 -3.73
C CYS A 312 7.72 -0.95 -2.73
N ILE A 313 7.40 -1.64 -1.64
CA ILE A 313 8.42 -2.02 -0.66
C ILE A 313 9.43 -2.95 -1.30
N ALA A 314 8.94 -3.96 -2.04
CA ALA A 314 9.84 -4.85 -2.77
C ALA A 314 10.62 -4.11 -3.84
N ALA A 315 10.07 -3.02 -4.35
CA ALA A 315 10.73 -2.28 -5.41
C ALA A 315 11.94 -1.51 -4.88
N LEU A 316 11.76 -0.76 -3.79
CA LEU A 316 12.85 0.04 -3.25
C LEU A 316 13.96 -0.84 -2.71
N GLU A 317 13.61 -1.91 -1.99
CA GLU A 317 14.63 -2.77 -1.42
C GLU A 317 15.33 -3.63 -2.47
N ALA A 318 14.71 -3.84 -3.63
CA ALA A 318 15.42 -4.50 -4.72
C ALA A 318 16.39 -3.55 -5.41
N GLU A 319 15.97 -2.30 -5.62
CA GLU A 319 16.87 -1.31 -6.22
C GLU A 319 18.01 -0.97 -5.29
N LYS A 320 17.75 -0.93 -3.98
CA LYS A 320 18.82 -0.73 -3.00
C LYS A 320 19.77 -1.92 -2.98
N PHE A 321 19.25 -3.14 -3.18
CA PHE A 321 20.09 -4.33 -3.18
C PHE A 321 21.05 -4.33 -4.35
N ILE A 322 20.60 -3.91 -5.54
CA ILE A 322 21.48 -3.91 -6.71
C ILE A 322 22.54 -2.82 -6.57
N ALA A 323 22.16 -1.65 -6.05
CA ALA A 323 23.12 -0.56 -5.90
C ALA A 323 24.28 -0.97 -5.01
N GLU A 324 23.99 -1.58 -3.86
CA GLU A 324 25.03 -2.01 -2.93
C GLU A 324 25.80 -3.24 -3.41
N ALA A 325 25.48 -3.78 -4.58
CA ALA A 325 26.15 -4.97 -5.08
C ALA A 325 27.21 -4.66 -6.13
N GLU A 326 26.93 -3.72 -7.03
CA GLU A 326 27.89 -3.36 -8.07
C GLU A 326 28.83 -2.23 -7.66
N SER A 327 28.45 -1.43 -6.66
CA SER A 327 29.28 -0.33 -6.20
C SER A 327 29.95 -0.66 -4.86
N MET B 2 -17.59 15.10 16.38
CA MET B 2 -18.87 14.87 17.03
C MET B 2 -18.71 14.65 18.53
N VAL B 3 -19.81 14.33 19.22
CA VAL B 3 -19.75 14.10 20.65
C VAL B 3 -18.95 12.84 20.96
N HIS B 4 -19.27 11.73 20.29
CA HIS B 4 -18.54 10.49 20.49
C HIS B 4 -18.71 9.61 19.26
N THR B 5 -17.63 8.90 18.92
CA THR B 5 -17.61 8.00 17.77
C THR B 5 -16.77 6.78 18.12
N LYS B 6 -16.78 5.80 17.21
CA LYS B 6 -15.99 4.59 17.42
C LYS B 6 -14.51 4.86 17.27
N VAL B 7 -14.12 5.38 16.11
CA VAL B 7 -12.72 5.66 15.80
C VAL B 7 -12.60 7.06 15.24
N VAL B 8 -11.58 7.79 15.67
CA VAL B 8 -11.26 9.12 15.17
C VAL B 8 -9.89 9.06 14.48
N ILE B 9 -9.78 9.72 13.34
CA ILE B 9 -8.55 9.74 12.55
C ILE B 9 -8.02 11.16 12.50
N ILE B 10 -6.74 11.32 12.78
CA ILE B 10 -6.07 12.62 12.76
C ILE B 10 -5.12 12.63 11.56
N GLY B 11 -5.43 13.44 10.57
CA GLY B 11 -4.59 13.57 9.39
C GLY B 11 -5.43 13.84 8.16
N SER B 12 -4.72 14.12 7.06
CA SER B 12 -5.41 14.37 5.78
C SER B 12 -4.66 13.76 4.60
N GLY B 13 -3.72 12.84 4.84
CA GLY B 13 -2.96 12.25 3.77
C GLY B 13 -3.56 10.95 3.27
N PRO B 14 -2.83 10.24 2.41
CA PRO B 14 -3.32 8.94 1.92
C PRO B 14 -3.59 7.94 3.02
N ALA B 15 -2.75 7.90 4.05
CA ALA B 15 -2.99 6.98 5.17
C ALA B 15 -4.26 7.35 5.92
N ALA B 16 -4.47 8.64 6.17
CA ALA B 16 -5.64 9.06 6.93
C ALA B 16 -6.94 8.82 6.18
N HIS B 17 -6.90 8.87 4.85
CA HIS B 17 -8.12 8.71 4.05
C HIS B 17 -8.43 7.26 3.74
N THR B 18 -7.43 6.44 3.38
CA THR B 18 -7.67 5.02 3.16
C THR B 18 -8.21 4.36 4.42
N ALA B 19 -7.69 4.76 5.59
CA ALA B 19 -8.27 4.29 6.85
C ALA B 19 -9.72 4.74 6.98
N ALA B 20 -10.02 5.98 6.58
CA ALA B 20 -11.39 6.46 6.64
C ALA B 20 -12.29 5.73 5.65
N ILE B 21 -11.74 5.37 4.48
CA ILE B 21 -12.53 4.67 3.48
C ILE B 21 -12.95 3.30 3.99
N TYR B 22 -11.98 2.53 4.48
CA TYR B 22 -12.29 1.18 4.97
C TYR B 22 -13.12 1.21 6.25
N LEU B 23 -12.83 2.17 7.13
CA LEU B 23 -13.57 2.26 8.39
C LEU B 23 -15.00 2.74 8.17
N SER B 24 -15.22 3.63 7.20
CA SER B 24 -16.57 4.12 6.94
C SER B 24 -17.40 3.11 6.15
N ARG B 25 -16.76 2.38 5.24
CA ARG B 25 -17.48 1.33 4.52
C ARG B 25 -17.89 0.18 5.43
N ALA B 26 -17.19 -0.01 6.54
CA ALA B 26 -17.57 -1.00 7.55
C ALA B 26 -18.63 -0.48 8.51
N GLU B 27 -19.30 0.62 8.18
CA GLU B 27 -20.42 1.16 8.95
C GLU B 27 -20.00 1.64 10.34
N LEU B 28 -18.72 1.95 10.55
CA LEU B 28 -18.23 2.31 11.88
C LEU B 28 -18.33 3.80 12.20
N LYS B 29 -18.74 4.63 11.24
CA LYS B 29 -18.92 6.07 11.44
C LYS B 29 -17.63 6.72 11.96
N PRO B 30 -16.59 6.82 11.15
CA PRO B 30 -15.35 7.46 11.59
C PRO B 30 -15.35 8.97 11.35
N VAL B 31 -14.69 9.69 12.25
CA VAL B 31 -14.53 11.13 12.15
C VAL B 31 -13.07 11.43 11.81
N LEU B 32 -12.87 12.27 10.80
CA LEU B 32 -11.54 12.59 10.28
C LEU B 32 -11.21 14.05 10.57
N TYR B 33 -10.10 14.27 11.28
CA TYR B 33 -9.61 15.61 11.57
C TYR B 33 -8.51 15.90 10.56
N GLU B 34 -8.87 16.59 9.48
CA GLU B 34 -7.92 16.92 8.43
C GLU B 34 -7.01 18.09 8.78
N GLY B 35 -7.40 18.93 9.73
CA GLY B 35 -6.64 20.13 10.03
C GLY B 35 -7.28 21.35 9.41
N MET B 36 -6.76 22.51 9.79
CA MET B 36 -7.25 23.79 9.27
C MET B 36 -6.59 24.17 7.95
N LEU B 37 -6.25 23.18 7.12
CA LEU B 37 -5.47 23.39 5.90
C LEU B 37 -5.30 22.07 5.16
N GLY B 45 -2.61 17.35 3.33
CA GLY B 45 -1.39 16.57 3.29
C GLY B 45 -0.26 17.24 2.54
N GLN B 46 0.96 16.73 2.70
CA GLN B 46 2.09 17.25 1.94
C GLN B 46 1.99 16.90 0.46
N LEU B 47 1.06 16.03 0.08
CA LEU B 47 0.87 15.66 -1.32
C LEU B 47 0.10 16.73 -2.10
N THR B 48 -0.61 17.62 -1.41
CA THR B 48 -1.33 18.70 -2.08
C THR B 48 -0.38 19.66 -2.79
N THR B 49 0.88 19.75 -2.35
CA THR B 49 1.84 20.65 -2.97
C THR B 49 2.41 20.07 -4.27
N THR B 50 2.46 18.75 -4.39
CA THR B 50 3.01 18.12 -5.58
C THR B 50 2.13 18.43 -6.79
N THR B 51 2.78 18.71 -7.92
CA THR B 51 2.05 19.10 -9.12
C THR B 51 1.50 17.88 -9.86
N ASP B 52 2.32 16.86 -10.06
CA ASP B 52 1.91 15.66 -10.80
C ASP B 52 2.54 14.43 -10.17
N ILE B 53 1.68 13.46 -9.82
CA ILE B 53 2.13 12.17 -9.30
C ILE B 53 2.03 11.15 -10.41
N GLU B 54 3.16 10.54 -10.77
CA GLU B 54 3.19 9.57 -11.85
C GLU B 54 3.57 8.17 -11.42
N ASN B 55 4.00 7.98 -10.17
CA ASN B 55 4.39 6.66 -9.66
C ASN B 55 3.31 6.03 -8.79
N PHE B 56 2.04 6.46 -8.94
CA PHE B 56 0.93 5.86 -8.21
C PHE B 56 0.20 4.87 -9.11
N PRO B 57 0.04 3.62 -8.68
CA PRO B 57 -0.57 2.62 -9.58
C PRO B 57 -2.05 2.87 -9.79
N GLY B 58 -2.49 2.72 -11.03
CA GLY B 58 -3.86 2.97 -11.42
C GLY B 58 -4.05 4.25 -12.22
N PHE B 59 -3.04 5.11 -12.28
CA PHE B 59 -3.09 6.36 -13.04
C PHE B 59 -1.90 6.37 -14.00
N PRO B 60 -2.04 5.71 -15.16
CA PRO B 60 -0.89 5.61 -16.07
C PRO B 60 -0.45 6.93 -16.68
N ASP B 61 -1.36 7.88 -16.81
CA ASP B 61 -1.04 9.20 -17.36
C ASP B 61 -0.68 10.20 -16.27
N GLY B 62 -0.42 9.73 -15.05
CA GLY B 62 -0.13 10.63 -13.95
C GLY B 62 -1.39 11.31 -13.43
N ILE B 63 -1.31 11.83 -12.21
CA ILE B 63 -2.44 12.54 -11.60
C ILE B 63 -1.89 13.64 -10.72
N GLY B 64 -2.57 14.78 -10.72
CA GLY B 64 -2.17 15.88 -9.85
C GLY B 64 -2.38 15.53 -8.38
N GLY B 65 -1.39 15.88 -7.57
CA GLY B 65 -1.49 15.61 -6.15
C GLY B 65 -2.67 16.28 -5.48
N ALA B 66 -3.08 17.44 -6.00
CA ALA B 66 -4.24 18.12 -5.43
C ALA B 66 -5.53 17.35 -5.68
N GLU B 67 -5.76 16.91 -6.93
CA GLU B 67 -6.99 16.20 -7.24
C GLU B 67 -6.98 14.79 -6.69
N LEU B 68 -5.81 14.17 -6.57
CA LEU B 68 -5.74 12.83 -5.98
C LEU B 68 -6.24 12.85 -4.54
N MET B 69 -5.78 13.83 -3.75
CA MET B 69 -6.28 13.96 -2.39
C MET B 69 -7.73 14.41 -2.35
N GLU B 70 -8.21 15.07 -3.41
CA GLU B 70 -9.63 15.41 -3.50
C GLU B 70 -10.46 14.18 -3.86
N ASN B 71 -9.95 13.32 -4.73
CA ASN B 71 -10.60 12.05 -5.00
C ASN B 71 -10.66 11.19 -3.74
N MET B 72 -9.54 11.09 -3.02
CA MET B 72 -9.56 10.31 -1.78
C MET B 72 -10.44 10.94 -0.73
N ARG B 73 -10.60 12.27 -0.77
CA ARG B 73 -11.49 12.91 0.19
C ARG B 73 -12.95 12.58 -0.11
N LYS B 74 -13.37 12.75 -1.36
CA LYS B 74 -14.75 12.42 -1.72
C LYS B 74 -15.01 10.92 -1.57
N GLN B 75 -13.97 10.09 -1.75
CA GLN B 75 -14.13 8.67 -1.52
C GLN B 75 -14.32 8.36 -0.04
N SER B 76 -13.72 9.16 0.83
CA SER B 76 -13.94 8.99 2.26
C SER B 76 -15.34 9.45 2.67
N ILE B 77 -15.76 10.61 2.16
CA ILE B 77 -17.07 11.15 2.51
C ILE B 77 -18.18 10.36 1.84
N ARG B 78 -17.88 9.65 0.74
CA ARG B 78 -18.88 8.83 0.09
C ARG B 78 -19.44 7.77 1.03
N PHE B 79 -18.56 7.01 1.68
CA PHE B 79 -18.97 5.93 2.57
C PHE B 79 -19.34 6.42 3.97
N GLY B 80 -19.33 7.74 4.21
CA GLY B 80 -19.88 8.29 5.43
C GLY B 80 -18.86 8.67 6.49
N THR B 81 -17.75 9.27 6.07
CA THR B 81 -16.77 9.79 7.01
C THR B 81 -17.12 11.22 7.38
N GLU B 82 -17.20 11.50 8.67
CA GLU B 82 -17.45 12.85 9.16
C GLU B 82 -16.12 13.59 9.19
N VAL B 83 -15.84 14.33 8.12
CA VAL B 83 -14.59 15.08 7.98
C VAL B 83 -14.86 16.50 8.41
N ILE B 84 -14.26 16.91 9.53
CA ILE B 84 -14.39 18.26 10.05
C ILE B 84 -13.04 18.96 9.91
N THR B 85 -13.06 20.18 9.39
CA THR B 85 -11.85 20.93 9.05
C THR B 85 -11.36 21.71 10.27
N GLU B 86 -10.89 20.94 11.27
CA GLU B 86 -10.38 21.51 12.50
C GLU B 86 -9.09 20.81 12.90
N THR B 87 -8.23 21.54 13.60
CA THR B 87 -6.91 21.05 13.99
C THR B 87 -6.96 20.54 15.42
N ILE B 88 -6.37 19.38 15.67
CA ILE B 88 -6.29 18.83 17.02
C ILE B 88 -5.16 19.51 17.77
N SER B 89 -5.46 19.97 18.99
CA SER B 89 -4.50 20.68 19.82
C SER B 89 -3.84 19.76 20.85
N ARG B 90 -4.65 19.10 21.68
CA ARG B 90 -4.14 18.20 22.71
C ARG B 90 -4.90 16.88 22.64
N VAL B 91 -4.24 15.82 23.11
CA VAL B 91 -4.81 14.48 23.13
C VAL B 91 -4.58 13.90 24.53
N ASP B 92 -5.61 13.28 25.09
CA ASP B 92 -5.57 12.70 26.42
C ASP B 92 -5.70 11.19 26.28
N LEU B 93 -4.56 10.52 26.16
CA LEU B 93 -4.55 9.06 26.04
C LEU B 93 -4.22 8.42 27.39
N SER B 94 -5.06 8.70 28.37
CA SER B 94 -4.89 8.06 29.68
C SER B 94 -6.16 7.44 30.24
N SER B 95 -7.30 8.09 30.07
CA SER B 95 -8.57 7.59 30.58
C SER B 95 -9.14 6.53 29.64
N LYS B 96 -10.28 5.94 30.05
CA LYS B 96 -10.94 4.93 29.21
C LYS B 96 -11.28 5.47 27.82
N PRO B 97 -12.03 6.57 27.68
CA PRO B 97 -12.22 7.13 26.33
C PRO B 97 -11.17 8.18 25.98
N PHE B 98 -10.57 8.05 24.79
CA PHE B 98 -9.60 9.05 24.35
C PHE B 98 -10.29 10.38 24.11
N LYS B 99 -9.73 11.44 24.67
CA LYS B 99 -10.29 12.78 24.57
C LYS B 99 -9.45 13.63 23.63
N LEU B 100 -10.11 14.46 22.82
CA LEU B 100 -9.45 15.30 21.84
C LEU B 100 -9.96 16.73 21.98
N TRP B 101 -9.06 17.69 21.72
CA TRP B 101 -9.40 19.11 21.83
C TRP B 101 -9.02 19.84 20.55
N THR B 102 -9.90 20.72 20.10
CA THR B 102 -9.64 21.58 18.96
C THR B 102 -8.70 22.72 19.35
N GLU B 103 -8.01 23.26 18.35
CA GLU B 103 -7.16 24.42 18.59
C GLU B 103 -8.03 25.64 18.88
N TRP B 104 -7.53 26.50 19.78
CA TRP B 104 -8.24 27.68 20.28
C TRP B 104 -9.38 27.28 21.22
N ASN B 105 -9.64 25.98 21.32
CA ASN B 105 -10.57 25.42 22.30
C ASN B 105 -9.85 24.49 23.25
N ASP B 106 -8.53 24.67 23.38
CA ASP B 106 -7.69 23.86 24.26
C ASP B 106 -7.85 24.37 25.69
N GLY B 107 -6.95 23.99 26.59
CA GLY B 107 -7.00 24.47 27.95
C GLY B 107 -7.20 23.36 28.95
N PRO B 108 -6.82 23.62 30.21
CA PRO B 108 -6.94 22.59 31.24
C PRO B 108 -8.36 22.33 31.70
N ASP B 109 -9.28 23.27 31.50
CA ASP B 109 -10.64 23.11 32.00
C ASP B 109 -11.67 23.37 30.91
N LYS B 110 -11.38 22.92 29.70
CA LYS B 110 -12.31 23.00 28.59
C LYS B 110 -12.87 21.61 28.28
N GLU B 111 -14.05 21.59 27.66
CA GLU B 111 -14.66 20.31 27.33
C GLU B 111 -14.07 19.79 26.01
N PRO B 112 -13.75 18.51 25.93
CA PRO B 112 -13.19 17.97 24.68
C PRO B 112 -14.19 18.09 23.54
N ALA B 113 -13.66 18.30 22.33
CA ALA B 113 -14.52 18.45 21.16
C ALA B 113 -14.99 17.11 20.62
N CYS B 114 -14.18 16.06 20.78
CA CYS B 114 -14.56 14.74 20.32
C CYS B 114 -13.85 13.69 21.17
N THR B 115 -14.56 12.62 21.48
CA THR B 115 -13.98 11.49 22.19
C THR B 115 -14.29 10.20 21.43
N ALA B 116 -13.40 9.23 21.55
CA ALA B 116 -13.54 7.98 20.82
C ALA B 116 -12.81 6.88 21.56
N ASP B 117 -13.14 5.64 21.22
CA ASP B 117 -12.50 4.48 21.82
C ASP B 117 -11.22 4.06 21.12
N ALA B 118 -10.94 4.64 19.96
CA ALA B 118 -9.70 4.36 19.23
C ALA B 118 -9.38 5.55 18.36
N VAL B 119 -8.08 5.82 18.20
CA VAL B 119 -7.61 6.95 17.42
C VAL B 119 -6.49 6.48 16.49
N ILE B 120 -6.51 6.95 15.25
CA ILE B 120 -5.49 6.65 14.25
C ILE B 120 -4.66 7.91 14.02
N ILE B 121 -3.34 7.77 14.12
CA ILE B 121 -2.43 8.88 13.91
C ILE B 121 -1.80 8.72 12.53
N ALA B 122 -2.23 9.58 11.60
CA ALA B 122 -1.71 9.62 10.24
C ALA B 122 -1.36 11.06 9.87
N THR B 123 -0.64 11.72 10.77
CA THR B 123 -0.33 13.14 10.65
C THR B 123 0.84 13.44 9.72
N GLY B 124 1.35 12.44 9.01
CA GLY B 124 2.39 12.67 8.02
C GLY B 124 3.73 13.04 8.63
N ALA B 125 4.71 13.20 7.74
CA ALA B 125 6.06 13.63 8.13
C ALA B 125 6.63 14.43 6.97
N ASN B 126 6.51 15.75 7.05
CA ASN B 126 6.96 16.62 5.96
C ASN B 126 8.48 16.72 5.94
N ALA B 127 9.02 16.89 4.74
CA ALA B 127 10.44 17.14 4.58
C ALA B 127 10.75 18.60 4.91
N ARG B 128 11.88 18.81 5.58
CA ARG B 128 12.25 20.15 6.01
C ARG B 128 12.68 20.99 4.81
N ARG B 129 12.16 22.20 4.73
CA ARG B 129 12.55 23.16 3.70
C ARG B 129 13.37 24.29 4.32
N LEU B 130 14.07 25.03 3.46
CA LEU B 130 14.94 26.11 3.90
C LEU B 130 14.32 27.49 3.71
N ASN B 131 13.19 27.58 3.02
CA ASN B 131 12.48 28.85 2.81
C ASN B 131 13.39 29.90 2.16
N LEU B 132 14.16 29.47 1.16
CA LEU B 132 15.01 30.38 0.42
C LEU B 132 14.16 31.39 -0.35
N PRO B 133 14.72 32.55 -0.66
CA PRO B 133 14.00 33.48 -1.56
C PRO B 133 13.81 32.85 -2.93
N GLY B 134 12.59 32.96 -3.45
CA GLY B 134 12.22 32.30 -4.68
C GLY B 134 11.79 30.85 -4.53
N GLU B 135 11.93 30.27 -3.33
CA GLU B 135 11.49 28.89 -3.12
C GLU B 135 9.99 28.75 -3.33
N GLU B 136 9.21 29.70 -2.81
CA GLU B 136 7.77 29.65 -3.00
C GLU B 136 7.37 29.73 -4.47
N THR B 137 8.18 30.41 -5.28
CA THR B 137 7.86 30.57 -6.70
C THR B 137 8.21 29.32 -7.51
N TYR B 138 9.20 28.55 -7.08
CA TYR B 138 9.67 27.40 -7.84
C TYR B 138 9.54 26.09 -7.07
N TRP B 139 8.80 26.08 -5.96
CA TRP B 139 8.51 24.82 -5.28
C TRP B 139 7.61 23.96 -6.15
N GLN B 140 8.01 22.71 -6.36
CA GLN B 140 7.38 21.77 -7.30
C GLN B 140 7.40 22.28 -8.72
N ASN B 141 8.14 23.35 -9.00
CA ASN B 141 8.42 23.83 -10.35
C ASN B 141 9.92 23.86 -10.61
N GLY B 142 10.64 22.93 -9.99
CA GLY B 142 12.10 22.89 -10.08
C GLY B 142 12.73 22.50 -8.77
N ILE B 143 12.05 22.77 -7.67
CA ILE B 143 12.50 22.41 -6.33
C ILE B 143 11.66 21.25 -5.83
N SER B 144 12.31 20.30 -5.14
CA SER B 144 11.62 19.14 -4.61
C SER B 144 12.40 18.62 -3.40
N ALA B 145 11.86 17.58 -2.78
CA ALA B 145 12.50 16.99 -1.60
C ALA B 145 12.53 15.47 -1.66
N CYS B 146 12.00 14.85 -2.70
CA CYS B 146 11.99 13.39 -2.84
C CYS B 146 12.62 13.04 -4.19
N ALA B 147 13.77 12.36 -4.15
CA ALA B 147 14.43 11.98 -5.38
C ALA B 147 13.69 10.85 -6.10
N VAL B 148 13.05 9.95 -5.35
CA VAL B 148 12.31 8.85 -5.97
C VAL B 148 11.06 9.37 -6.67
N CYS B 149 10.40 10.37 -6.07
CA CYS B 149 9.13 10.84 -6.60
C CYS B 149 9.32 11.66 -7.87
N ASP B 150 10.17 12.69 -7.81
CA ASP B 150 10.28 13.67 -8.88
C ASP B 150 11.59 13.59 -9.66
N GLY B 151 12.46 12.65 -9.33
CA GLY B 151 13.76 12.59 -10.00
C GLY B 151 13.67 12.25 -11.48
N ALA B 152 12.64 11.50 -11.88
CA ALA B 152 12.51 11.07 -13.26
C ALA B 152 11.76 12.06 -14.13
N VAL B 153 11.22 13.13 -13.55
CA VAL B 153 10.48 14.15 -14.29
C VAL B 153 11.35 14.67 -15.43
N PRO B 154 10.80 14.84 -16.63
CA PRO B 154 11.63 15.22 -17.79
C PRO B 154 12.36 16.54 -17.63
N ILE B 155 11.88 17.45 -16.77
CA ILE B 155 12.52 18.75 -16.62
C ILE B 155 13.90 18.66 -15.97
N PHE B 156 14.25 17.51 -15.40
CA PHE B 156 15.55 17.31 -14.77
C PHE B 156 16.48 16.45 -15.61
N ARG B 157 15.99 15.85 -16.69
CA ARG B 157 16.81 14.93 -17.48
C ARG B 157 17.85 15.70 -18.29
N ASN B 158 19.10 15.25 -18.21
CA ASN B 158 20.22 15.86 -18.93
C ASN B 158 20.35 17.35 -18.59
N LYS B 159 20.17 17.68 -17.32
CA LYS B 159 20.27 19.05 -16.85
C LYS B 159 21.08 19.05 -15.57
N PRO B 160 21.69 20.18 -15.22
CA PRO B 160 22.45 20.25 -13.97
C PRO B 160 21.52 20.26 -12.76
N LEU B 161 21.77 19.35 -11.82
CA LEU B 161 20.96 19.20 -10.62
C LEU B 161 21.81 19.50 -9.39
N TYR B 162 21.17 20.07 -8.37
CA TYR B 162 21.85 20.45 -7.14
C TYR B 162 21.13 19.85 -5.94
N VAL B 163 21.92 19.38 -4.96
CA VAL B 163 21.40 18.76 -3.76
C VAL B 163 21.91 19.55 -2.55
N ILE B 164 21.04 19.74 -1.57
CA ILE B 164 21.37 20.48 -0.34
C ILE B 164 21.35 19.50 0.82
N GLY B 165 22.46 19.41 1.52
CA GLY B 165 22.57 18.56 2.69
C GLY B 165 23.90 17.82 2.72
N GLY B 166 24.29 17.39 3.91
CA GLY B 166 25.55 16.68 4.07
C GLY B 166 25.36 15.35 4.77
N GLY B 167 24.12 15.00 5.08
CA GLY B 167 23.82 13.77 5.77
C GLY B 167 23.76 12.58 4.83
N ASP B 168 23.25 11.47 5.38
CA ASP B 168 23.13 10.25 4.58
C ASP B 168 22.04 10.37 3.52
N SER B 169 20.94 11.07 3.84
CA SER B 169 19.88 11.26 2.85
C SER B 169 20.39 12.01 1.63
N ALA B 170 21.35 12.93 1.81
CA ALA B 170 21.91 13.67 0.68
C ALA B 170 22.68 12.76 -0.26
N ALA B 171 23.62 11.99 0.29
CA ALA B 171 24.44 11.10 -0.55
C ALA B 171 23.59 10.05 -1.25
N GLU B 172 22.57 9.54 -0.57
CA GLU B 172 21.71 8.52 -1.19
C GLU B 172 20.90 9.10 -2.33
N GLU B 173 20.30 10.28 -2.13
CA GLU B 173 19.49 10.88 -3.18
C GLU B 173 20.35 11.48 -4.29
N ALA B 174 21.57 11.90 -3.99
CA ALA B 174 22.45 12.47 -5.01
C ALA B 174 22.82 11.42 -6.04
N MET B 175 23.27 10.24 -5.58
CA MET B 175 23.61 9.17 -6.51
C MET B 175 22.40 8.66 -7.26
N PHE B 176 21.21 8.77 -6.65
CA PHE B 176 19.99 8.38 -7.36
C PHE B 176 19.66 9.37 -8.47
N LEU B 177 19.86 10.66 -8.23
CA LEU B 177 19.60 11.68 -9.25
C LEU B 177 20.57 11.60 -10.43
N ALA B 178 21.70 10.92 -10.27
CA ALA B 178 22.65 10.77 -11.37
C ALA B 178 22.09 9.94 -12.52
N LYS B 179 21.00 9.19 -12.28
CA LYS B 179 20.39 8.41 -13.36
C LYS B 179 19.77 9.31 -14.42
N TYR B 180 19.38 10.53 -14.05
CA TYR B 180 18.64 11.41 -14.94
C TYR B 180 19.40 12.67 -15.30
N GLY B 181 19.92 13.39 -14.30
CA GLY B 181 20.55 14.66 -14.57
C GLY B 181 21.90 14.52 -15.26
N SER B 182 22.29 15.59 -15.96
CA SER B 182 23.59 15.61 -16.61
C SER B 182 24.72 15.63 -15.57
N SER B 183 24.53 16.38 -14.49
CA SER B 183 25.54 16.46 -13.43
C SER B 183 24.83 16.78 -12.12
N VAL B 184 25.27 16.14 -11.05
CA VAL B 184 24.71 16.33 -9.71
C VAL B 184 25.80 16.90 -8.82
N THR B 185 25.51 18.03 -8.17
CA THR B 185 26.41 18.67 -7.24
C THR B 185 25.73 18.78 -5.88
N VAL B 186 26.45 18.42 -4.83
CA VAL B 186 25.92 18.44 -3.47
C VAL B 186 26.55 19.61 -2.72
N LEU B 187 25.71 20.42 -2.08
CA LEU B 187 26.15 21.65 -1.42
C LEU B 187 26.05 21.44 0.09
N VAL B 188 27.12 20.90 0.67
CA VAL B 188 27.21 20.77 2.12
C VAL B 188 27.68 22.10 2.70
N ARG B 189 27.04 22.54 3.78
CA ARG B 189 27.38 23.85 4.33
C ARG B 189 28.74 23.83 5.03
N ARG B 190 28.99 22.80 5.84
CA ARG B 190 30.28 22.66 6.51
C ARG B 190 31.17 21.73 5.70
N ASP B 191 32.30 21.34 6.28
CA ASP B 191 33.27 20.46 5.66
C ASP B 191 33.04 19.04 6.17
N LYS B 192 33.75 18.07 5.57
CA LYS B 192 33.75 16.71 6.09
C LYS B 192 32.35 16.08 6.14
N LEU B 193 31.86 15.60 5.00
CA LEU B 193 30.51 15.03 4.87
C LEU B 193 30.08 14.27 6.12
N ARG B 194 28.86 14.56 6.57
CA ARG B 194 28.24 13.97 7.74
C ARG B 194 27.73 12.55 7.49
N ALA B 195 27.80 12.05 6.26
CA ALA B 195 27.20 10.77 5.93
C ALA B 195 28.07 9.62 6.43
N SER B 196 27.61 8.40 6.19
CA SER B 196 28.35 7.21 6.63
C SER B 196 29.63 7.06 5.82
N LYS B 197 30.61 6.38 6.44
CA LYS B 197 31.92 6.23 5.80
C LYS B 197 31.86 5.33 4.57
N ALA B 198 31.01 4.28 4.61
CA ALA B 198 30.95 3.36 3.48
C ALA B 198 30.12 3.91 2.33
N MET B 199 28.99 4.57 2.64
CA MET B 199 28.19 5.16 1.59
C MET B 199 28.89 6.35 0.95
N ALA B 200 29.69 7.09 1.72
CA ALA B 200 30.47 8.18 1.15
C ALA B 200 31.56 7.66 0.22
N LYS B 201 32.05 6.43 0.45
CA LYS B 201 33.06 5.86 -0.43
C LYS B 201 32.55 5.76 -1.86
N ARG B 202 31.36 5.19 -2.04
CA ARG B 202 30.77 5.10 -3.38
C ARG B 202 30.29 6.46 -3.89
N LEU B 203 30.06 7.43 -2.99
CA LEU B 203 29.62 8.76 -3.42
C LEU B 203 30.74 9.49 -4.16
N LEU B 204 31.88 9.69 -3.49
CA LEU B 204 33.00 10.37 -4.13
C LEU B 204 33.58 9.58 -5.29
N ALA B 205 33.24 8.29 -5.41
CA ALA B 205 33.71 7.48 -6.53
C ALA B 205 32.77 7.54 -7.73
N HIS B 206 31.51 7.90 -7.52
CA HIS B 206 30.56 7.99 -8.62
C HIS B 206 30.97 9.11 -9.56
N PRO B 207 31.00 8.88 -10.88
CA PRO B 207 31.56 9.91 -11.77
C PRO B 207 30.67 11.13 -11.94
N LYS B 208 29.35 10.93 -12.02
CA LYS B 208 28.45 12.02 -12.38
C LYS B 208 28.04 12.88 -11.19
N VAL B 209 28.62 12.69 -10.01
CA VAL B 209 28.33 13.50 -8.84
C VAL B 209 29.62 14.15 -8.36
N THR B 210 29.51 15.38 -7.86
CA THR B 210 30.63 16.12 -7.29
C THR B 210 30.17 16.85 -6.04
N VAL B 211 30.89 16.65 -4.94
CA VAL B 211 30.55 17.27 -3.66
C VAL B 211 31.31 18.58 -3.53
N ARG B 212 30.59 19.66 -3.27
CA ARG B 212 31.18 20.99 -3.10
C ARG B 212 31.07 21.37 -1.62
N PHE B 213 32.17 21.18 -0.90
CA PHE B 213 32.19 21.52 0.52
C PHE B 213 32.16 23.03 0.72
N ASN B 214 31.63 23.44 1.88
CA ASN B 214 31.56 24.85 2.27
C ASN B 214 30.83 25.69 1.23
N THR B 215 29.59 25.27 0.94
CA THR B 215 28.76 25.93 -0.06
C THR B 215 27.32 25.92 0.39
N VAL B 216 26.65 27.06 0.26
CA VAL B 216 25.26 27.22 0.69
C VAL B 216 24.48 27.90 -0.43
N ALA B 217 23.27 27.42 -0.68
CA ALA B 217 22.38 28.03 -1.65
C ALA B 217 21.72 29.26 -1.05
N THR B 218 21.71 30.37 -1.79
CA THR B 218 21.21 31.64 -1.29
C THR B 218 19.86 32.04 -1.87
N GLU B 219 19.63 31.80 -3.16
CA GLU B 219 18.35 32.14 -3.77
C GLU B 219 18.17 31.32 -5.03
N VAL B 220 16.92 31.06 -5.37
CA VAL B 220 16.55 30.26 -6.53
C VAL B 220 16.03 31.19 -7.61
N LEU B 221 16.62 31.10 -8.80
CA LEU B 221 16.25 31.93 -9.95
C LEU B 221 15.67 31.05 -11.04
N GLY B 222 14.79 31.63 -11.85
CA GLY B 222 14.21 30.89 -12.95
C GLY B 222 13.30 31.76 -13.78
N GLU B 223 12.49 31.10 -14.60
CA GLU B 223 11.52 31.79 -15.43
C GLU B 223 10.44 32.44 -14.56
N LYS B 224 9.85 33.51 -15.07
CA LYS B 224 8.69 34.13 -14.45
C LYS B 224 7.56 34.09 -15.46
N LYS B 225 6.89 32.95 -15.51
CA LYS B 225 5.73 32.76 -16.38
C LYS B 225 4.76 31.84 -15.66
N PRO B 226 3.58 31.62 -16.22
CA PRO B 226 2.68 30.60 -15.66
C PRO B 226 3.40 29.26 -15.57
N ASN B 227 3.59 28.79 -14.34
CA ASN B 227 4.27 27.54 -14.07
C ASN B 227 5.71 27.60 -14.57
N GLY B 228 6.47 28.55 -14.00
CA GLY B 228 7.84 28.78 -14.45
C GLY B 228 8.81 27.80 -13.81
N LEU B 229 9.70 27.27 -14.63
CA LEU B 229 10.69 26.30 -14.17
C LEU B 229 11.92 26.99 -13.58
N MET B 230 12.75 26.19 -12.92
CA MET B 230 13.99 26.67 -12.32
C MET B 230 15.10 26.64 -13.35
N THR B 231 15.84 27.74 -13.48
CA THR B 231 16.91 27.84 -14.45
C THR B 231 18.28 28.12 -13.85
N HIS B 232 18.36 28.84 -12.72
CA HIS B 232 19.63 29.20 -12.13
C HIS B 232 19.54 29.12 -10.62
N LEU B 233 20.68 28.85 -9.99
CA LEU B 233 20.79 28.81 -8.53
C LEU B 233 21.95 29.69 -8.10
N ARG B 234 21.72 30.54 -7.11
CA ARG B 234 22.76 31.40 -6.56
C ARG B 234 23.35 30.71 -5.35
N ILE B 235 24.61 30.28 -5.45
CA ILE B 235 25.30 29.61 -4.38
C ILE B 235 26.34 30.57 -3.79
N LYS B 236 26.71 30.31 -2.55
CA LYS B 236 27.59 31.21 -1.80
C LYS B 236 28.62 30.38 -1.05
N ASN B 237 29.90 30.63 -1.33
CA ASN B 237 30.97 30.05 -0.53
C ASN B 237 30.88 30.58 0.89
N THR B 238 30.96 29.69 1.87
CA THR B 238 30.67 30.05 3.26
C THR B 238 31.90 30.54 4.02
N VAL B 239 33.10 30.44 3.46
CA VAL B 239 34.31 30.95 4.10
C VAL B 239 34.77 32.26 3.46
N THR B 240 34.80 32.31 2.13
CA THR B 240 35.19 33.54 1.45
C THR B 240 34.05 34.54 1.36
N GLY B 241 32.83 34.05 1.08
CA GLY B 241 31.67 34.91 0.96
C GLY B 241 31.30 35.32 -0.46
N GLU B 242 32.04 34.86 -1.47
CA GLU B 242 31.75 35.25 -2.85
C GLU B 242 30.55 34.46 -3.37
N GLU B 243 29.50 35.16 -3.75
CA GLU B 243 28.31 34.52 -4.32
C GLU B 243 28.39 34.52 -5.84
N GLU B 244 27.79 33.50 -6.44
CA GLU B 244 27.83 33.33 -7.88
C GLU B 244 26.53 32.69 -8.34
N ILE B 245 26.22 32.86 -9.62
CA ILE B 245 25.01 32.31 -10.22
C ILE B 245 25.44 31.23 -11.20
N VAL B 246 24.93 30.02 -10.99
CA VAL B 246 25.27 28.86 -11.82
C VAL B 246 24.00 28.27 -12.39
N ASP B 247 24.14 27.58 -13.50
CA ASP B 247 23.01 26.91 -14.13
C ASP B 247 22.52 25.77 -13.26
N ALA B 248 21.21 25.70 -13.04
CA ALA B 248 20.61 24.66 -12.20
C ALA B 248 19.14 24.54 -12.55
N ASN B 249 18.74 23.39 -13.06
CA ASN B 249 17.33 23.15 -13.37
C ASN B 249 16.59 22.44 -12.24
N GLY B 250 17.31 21.84 -11.29
CA GLY B 250 16.67 21.14 -10.20
C GLY B 250 17.41 21.27 -8.88
N LEU B 251 16.67 21.59 -7.82
CA LEU B 251 17.21 21.71 -6.48
C LEU B 251 16.42 20.79 -5.56
N PHE B 252 17.11 19.81 -4.98
CA PHE B 252 16.49 18.79 -4.14
C PHE B 252 16.96 18.97 -2.70
N TYR B 253 16.03 19.31 -1.82
CA TYR B 253 16.34 19.39 -0.41
C TYR B 253 16.57 18.00 0.15
N ALA B 254 17.68 17.80 0.85
CA ALA B 254 18.03 16.50 1.40
C ALA B 254 18.43 16.60 2.87
N VAL B 255 17.82 17.54 3.59
CA VAL B 255 17.88 17.54 5.06
C VAL B 255 16.81 16.58 5.55
N GLY B 256 16.84 16.25 6.84
CA GLY B 256 15.91 15.26 7.38
C GLY B 256 14.45 15.66 7.30
N HIS B 257 13.57 14.86 7.89
CA HIS B 257 12.14 15.11 7.87
C HIS B 257 11.65 15.34 9.29
N ASP B 258 10.46 15.93 9.40
CA ASP B 258 9.87 16.28 10.69
C ASP B 258 8.56 15.53 10.87
N PRO B 259 8.54 14.41 11.57
CA PRO B 259 7.27 13.73 11.87
C PRO B 259 6.41 14.57 12.79
N ALA B 260 5.11 14.61 12.49
CA ALA B 260 4.18 15.41 13.27
C ALA B 260 3.73 14.66 14.52
N THR B 261 4.69 14.21 15.33
CA THR B 261 4.43 13.49 16.57
C THR B 261 4.33 14.43 17.77
N ALA B 262 3.98 15.70 17.54
CA ALA B 262 3.95 16.67 18.62
C ALA B 262 2.83 16.39 19.62
N LEU B 263 1.70 15.85 19.16
CA LEU B 263 0.56 15.69 20.05
C LEU B 263 0.79 14.64 21.12
N VAL B 264 1.57 13.60 20.83
CA VAL B 264 1.79 12.54 21.81
C VAL B 264 2.86 12.96 22.80
N LYS B 265 4.09 13.13 22.31
CA LYS B 265 5.23 13.61 23.11
C LYS B 265 5.29 12.94 24.47
N GLY B 266 5.43 11.61 24.46
CA GLY B 266 5.59 10.81 25.65
C GLY B 266 4.47 9.81 25.88
N GLN B 267 3.26 10.13 25.42
CA GLN B 267 2.14 9.21 25.59
C GLN B 267 2.36 7.91 24.82
N ILE B 268 2.82 8.02 23.57
CA ILE B 268 3.17 6.88 22.74
C ILE B 268 4.69 6.85 22.60
N ASP B 269 5.26 5.65 22.56
CA ASP B 269 6.70 5.51 22.44
C ASP B 269 7.16 6.03 21.08
N LEU B 270 8.25 6.80 21.10
CA LEU B 270 8.87 7.34 19.89
C LEU B 270 10.27 6.76 19.73
N ASP B 271 10.86 7.00 18.57
CA ASP B 271 12.19 6.52 18.27
C ASP B 271 13.20 7.67 18.42
N GLU B 272 14.46 7.40 18.03
CA GLU B 272 15.51 8.39 18.18
C GLU B 272 15.26 9.61 17.29
N ASP B 273 14.72 9.40 16.10
CA ASP B 273 14.51 10.47 15.13
C ASP B 273 13.17 11.17 15.29
N GLY B 274 12.26 10.63 16.11
CA GLY B 274 10.99 11.28 16.38
C GLY B 274 9.78 10.57 15.83
N TYR B 275 9.96 9.54 15.00
CA TYR B 275 8.83 8.83 14.43
C TYR B 275 8.15 7.95 15.48
N ILE B 276 6.88 7.63 15.23
CA ILE B 276 6.13 6.76 16.11
C ILE B 276 6.57 5.31 15.88
N ILE B 277 6.96 4.64 16.95
CA ILE B 277 7.38 3.25 16.86
C ILE B 277 6.13 2.37 16.76
N THR B 278 6.12 1.47 15.79
CA THR B 278 5.04 0.53 15.58
C THR B 278 5.62 -0.85 15.28
N LYS B 279 4.86 -1.88 15.60
CA LYS B 279 5.26 -3.24 15.27
C LYS B 279 5.46 -3.34 13.75
N PRO B 280 6.59 -3.88 13.29
CA PRO B 280 6.86 -3.88 11.84
C PRO B 280 5.78 -4.62 11.07
N GLY B 281 5.43 -4.07 9.91
CA GLY B 281 4.33 -4.61 9.13
C GLY B 281 2.97 -4.42 9.74
N THR B 282 2.87 -3.71 10.86
CA THR B 282 1.62 -3.52 11.58
C THR B 282 1.48 -2.04 11.93
N SER B 283 0.27 -1.65 12.35
CA SER B 283 0.02 -0.31 12.85
C SER B 283 -0.10 -0.27 14.37
N TYR B 284 0.24 -1.36 15.06
CA TYR B 284 0.12 -1.40 16.51
C TYR B 284 1.20 -0.53 17.15
N THR B 285 0.77 0.52 17.86
CA THR B 285 1.69 1.38 18.60
C THR B 285 2.01 0.74 19.95
N SER B 286 2.61 1.52 20.85
CA SER B 286 2.93 1.01 22.17
C SER B 286 1.74 1.06 23.12
N ARG B 287 0.77 1.92 22.84
CA ARG B 287 -0.47 2.00 23.63
C ARG B 287 -1.56 1.25 22.87
N GLU B 288 -2.14 0.24 23.51
CA GLU B 288 -3.21 -0.51 22.86
C GLU B 288 -4.46 0.35 22.76
N GLY B 289 -4.95 0.54 21.54
CA GLY B 289 -6.09 1.37 21.25
C GLY B 289 -5.81 2.51 20.29
N VAL B 290 -4.55 2.90 20.12
CA VAL B 290 -4.16 3.93 19.17
C VAL B 290 -3.21 3.30 18.16
N PHE B 291 -3.44 3.55 16.89
CA PHE B 291 -2.64 3.01 15.81
C PHE B 291 -2.03 4.15 15.01
N ALA B 292 -0.93 3.85 14.31
CA ALA B 292 -0.20 4.85 13.55
C ALA B 292 0.10 4.30 12.17
N CYS B 293 -0.33 5.02 11.14
CA CYS B 293 -0.09 4.65 9.75
C CYS B 293 0.49 5.83 9.00
N GLY B 294 1.16 5.53 7.88
CA GLY B 294 1.68 6.58 7.02
C GLY B 294 3.10 6.98 7.33
N ASP B 295 3.46 8.23 7.01
CA ASP B 295 4.82 8.71 7.21
C ASP B 295 5.17 8.95 8.68
N VAL B 296 4.19 8.94 9.58
CA VAL B 296 4.49 9.10 10.99
C VAL B 296 5.28 7.91 11.51
N GLN B 297 5.08 6.74 10.91
CA GLN B 297 5.83 5.53 11.27
C GLN B 297 6.85 5.12 10.22
N ASP B 298 6.69 5.58 8.98
CA ASP B 298 7.55 5.17 7.87
C ASP B 298 8.57 6.27 7.58
N LYS B 299 9.85 5.92 7.69
CA LYS B 299 10.94 6.80 7.30
C LYS B 299 11.81 6.24 6.20
N ARG B 300 11.61 4.98 5.81
CA ARG B 300 12.45 4.30 4.83
C ARG B 300 11.90 4.35 3.41
N TYR B 301 10.59 4.57 3.24
CA TYR B 301 9.96 4.58 1.94
C TYR B 301 9.36 5.92 1.58
N ARG B 302 8.50 6.48 2.45
CA ARG B 302 7.94 7.82 2.27
C ARG B 302 7.24 7.98 0.93
N GLN B 303 6.34 7.05 0.62
CA GLN B 303 5.57 7.06 -0.61
C GLN B 303 4.08 7.12 -0.28
N ALA B 304 3.30 7.64 -1.23
CA ALA B 304 1.86 7.71 -1.03
C ALA B 304 1.21 6.34 -1.15
N ILE B 305 1.68 5.51 -2.10
CA ILE B 305 1.12 4.18 -2.25
C ILE B 305 1.44 3.32 -1.03
N THR B 306 2.57 3.56 -0.37
CA THR B 306 2.89 2.81 0.85
C THR B 306 2.13 3.36 2.05
N SER B 307 1.95 4.68 2.11
CA SER B 307 1.16 5.26 3.19
C SER B 307 -0.31 4.87 3.07
N ALA B 308 -0.82 4.82 1.83
CA ALA B 308 -2.19 4.35 1.62
C ALA B 308 -2.35 2.90 2.08
N GLY B 309 -1.35 2.06 1.80
CA GLY B 309 -1.41 0.68 2.26
C GLY B 309 -1.43 0.57 3.77
N SER B 310 -0.51 1.26 4.44
CA SER B 310 -0.49 1.22 5.90
C SER B 310 -1.74 1.82 6.50
N GLY B 311 -2.38 2.76 5.79
CA GLY B 311 -3.64 3.29 6.26
C GLY B 311 -4.76 2.26 6.25
N CYS B 312 -4.76 1.38 5.23
CA CYS B 312 -5.71 0.27 5.22
C CYS B 312 -5.44 -0.69 6.36
N ILE B 313 -4.17 -0.89 6.70
CA ILE B 313 -3.81 -1.74 7.83
C ILE B 313 -4.33 -1.15 9.13
N ALA B 314 -4.17 0.16 9.32
CA ALA B 314 -4.67 0.80 10.53
C ALA B 314 -6.20 0.71 10.62
N ALA B 315 -6.88 0.64 9.47
CA ALA B 315 -8.33 0.55 9.49
C ALA B 315 -8.79 -0.84 9.92
N LEU B 316 -8.21 -1.88 9.31
CA LEU B 316 -8.62 -3.26 9.62
C LEU B 316 -8.28 -3.63 11.06
N GLU B 317 -7.09 -3.26 11.52
CA GLU B 317 -6.68 -3.59 12.87
C GLU B 317 -7.39 -2.76 13.93
N ALA B 318 -7.95 -1.62 13.55
CA ALA B 318 -8.80 -0.87 14.47
C ALA B 318 -10.16 -1.53 14.60
N GLU B 319 -10.70 -2.04 13.50
CA GLU B 319 -11.99 -2.74 13.56
C GLU B 319 -11.89 -4.04 14.34
N LYS B 320 -10.76 -4.74 14.26
CA LYS B 320 -10.56 -5.91 15.09
C LYS B 320 -10.47 -5.51 16.56
N PHE B 321 -9.84 -4.37 16.84
CA PHE B 321 -9.78 -3.88 18.21
C PHE B 321 -11.16 -3.49 18.71
N ILE B 322 -11.95 -2.84 17.87
CA ILE B 322 -13.28 -2.39 18.29
C ILE B 322 -14.23 -3.58 18.44
N ALA B 323 -14.15 -4.56 17.53
CA ALA B 323 -15.02 -5.73 17.60
C ALA B 323 -14.79 -6.52 18.88
N GLU B 324 -13.53 -6.81 19.19
CA GLU B 324 -13.17 -7.57 20.39
C GLU B 324 -13.28 -6.76 21.67
N ALA B 325 -13.71 -5.50 21.60
CA ALA B 325 -13.83 -4.64 22.77
C ALA B 325 -15.26 -4.50 23.29
N GLU B 326 -16.25 -4.48 22.41
CA GLU B 326 -17.63 -4.29 22.82
C GLU B 326 -18.29 -5.62 23.17
N SER B 327 -19.42 -5.53 23.88
CA SER B 327 -20.15 -6.72 24.30
C SER B 327 -21.42 -6.91 23.47
#